data_7JWQ
#
_entry.id   7JWQ
#
_cell.length_a   66.037
_cell.length_b   109.550
_cell.length_c   65.900
_cell.angle_alpha   90.000
_cell.angle_beta   90.030
_cell.angle_gamma   90.000
#
_symmetry.space_group_name_H-M   'P 1 21 1'
#
loop_
_entity.id
_entity.type
_entity.pdbx_description
1 polymer 'Fab CJ11 Heavy chain'
2 polymer 'Fab CJ11 Light chain'
3 polymer 'IL-1beta peptide'
4 water water
#
loop_
_entity_poly.entity_id
_entity_poly.type
_entity_poly.pdbx_seq_one_letter_code
_entity_poly.pdbx_strand_id
1 'polypeptide(L)'
;QSVEESGGGLVTPGTPLTLTCTVSGIDLSRYAMSWVRQAPGKGLEWIGIFGSLGGIFYASWAKGRFTISKTSPTTVDLKI
TSPTTEDTATYFCARMPYTTDRDFWGPGTLVTVSSASTKGPSVFPLAPSSKSTSGGTAALGCLVKDYFPEPVTVSWNSGA
LTSGVHTFPAVLQSSGLYSLSSVVTVPSSSLGTQTYICNVNHKPSNTKVDKKVEPKSCD
;
A,C
2 'polypeptide(L)'
;DIVMTQTPSSTSAAVGGTVTITCQASQSVANNNYLKWYQQKRGQPPKQLIYSVSTLASGVPSRFKGSGSGTQFTLTISDL
EADDAATYYCSGYFNNNIGAFGGGTKLEIKRTVAAPSVFIFPPSDEQLKSGTASVVCLLNNFYPREAKVQWKVDNALQSG
NSQESVTEQDSKDSTYSLSSTLTLSKADYEKHKVYACEVTHQGLSSPVTKSFNRGEC
;
B,D
3 'polypeptide(L)' LFFEVD V,P
#
# COMPACT_ATOMS: atom_id res chain seq x y z
N GLN A 1 8.36 34.35 33.69
CA GLN A 1 7.03 34.25 33.01
C GLN A 1 6.63 32.81 32.79
N SER A 2 5.97 32.21 33.79
CA SER A 2 5.51 30.84 33.68
C SER A 2 4.28 30.63 34.55
N VAL A 3 3.53 29.60 34.20
CA VAL A 3 2.26 29.26 34.84
C VAL A 3 2.24 27.76 35.09
N GLU A 4 1.62 27.35 36.20
CA GLU A 4 1.54 25.93 36.53
C GLU A 4 0.27 25.64 37.31
N GLU A 5 -0.47 24.64 36.87
CA GLU A 5 -1.66 24.17 37.56
C GLU A 5 -1.30 23.03 38.51
N SER A 6 -2.13 22.86 39.54
CA SER A 6 -1.96 21.78 40.49
C SER A 6 -3.31 21.44 41.11
N GLY A 7 -3.39 20.25 41.69
CA GLY A 7 -4.62 19.76 42.28
C GLY A 7 -5.43 18.84 41.40
N GLY A 8 -4.91 18.47 40.23
CA GLY A 8 -5.63 17.56 39.37
C GLY A 8 -5.50 16.12 39.82
N GLY A 9 -6.26 15.26 39.15
CA GLY A 9 -6.28 13.84 39.49
C GLY A 9 -7.67 13.26 39.48
N LEU A 10 -7.88 12.22 40.28
CA LEU A 10 -9.15 11.52 40.34
C LEU A 10 -10.02 12.08 41.45
N VAL A 11 -11.29 12.32 41.14
CA VAL A 11 -12.25 12.83 42.12
C VAL A 11 -13.57 12.11 41.94
N THR A 12 -14.29 11.95 43.03
CA THR A 12 -15.56 11.25 43.03
C THR A 12 -16.67 12.19 42.58
N PRO A 13 -17.61 11.72 41.75
CA PRO A 13 -18.72 12.60 41.34
C PRO A 13 -19.47 13.16 42.54
N GLY A 14 -19.59 14.49 42.58
CA GLY A 14 -20.25 15.18 43.67
C GLY A 14 -19.31 15.70 44.73
N THR A 15 -18.04 15.30 44.72
CA THR A 15 -17.06 15.78 45.69
C THR A 15 -16.43 17.07 45.17
N PRO A 16 -16.58 18.20 45.87
CA PRO A 16 -15.95 19.44 45.40
C PRO A 16 -14.48 19.25 45.09
N LEU A 17 -13.99 19.99 44.09
CA LEU A 17 -12.59 19.85 43.69
C LEU A 17 -12.00 21.21 43.33
N THR A 18 -10.90 21.59 43.98
CA THR A 18 -10.29 22.89 43.77
C THR A 18 -8.94 22.74 43.11
N LEU A 19 -8.77 23.39 41.96
CA LEU A 19 -7.50 23.48 41.27
C LEU A 19 -6.83 24.82 41.59
N THR A 20 -5.50 24.81 41.62
CA THR A 20 -4.74 26.01 41.93
C THR A 20 -3.79 26.34 40.79
N CYS A 21 -3.75 27.63 40.45
CA CYS A 21 -2.90 28.15 39.39
C CYS A 21 -1.87 29.07 40.01
N THR A 22 -0.60 28.75 39.81
CA THR A 22 0.52 29.49 40.37
C THR A 22 1.32 30.09 39.23
N VAL A 23 1.56 31.40 39.30
CA VAL A 23 2.31 32.12 38.29
C VAL A 23 3.63 32.59 38.86
N SER A 24 4.59 32.81 37.97
CA SER A 24 5.90 33.34 38.34
C SER A 24 6.36 34.29 37.25
N GLY A 25 6.74 35.50 37.64
CA GLY A 25 7.11 36.49 36.65
C GLY A 25 5.93 37.08 35.90
N ILE A 26 4.72 36.93 36.44
CA ILE A 26 3.52 37.50 35.85
C ILE A 26 2.83 38.33 36.93
N ASP A 27 2.45 39.56 36.58
CA ASP A 27 1.92 40.52 37.54
C ASP A 27 0.40 40.46 37.51
N LEU A 28 -0.18 39.79 38.50
CA LEU A 28 -1.63 39.63 38.58
C LEU A 28 -2.34 40.87 39.10
N SER A 29 -1.60 41.89 39.55
CA SER A 29 -2.22 43.16 39.89
C SER A 29 -2.49 44.01 38.65
N ARG A 30 -2.04 43.58 37.47
CA ARG A 30 -2.24 44.32 36.24
C ARG A 30 -2.72 43.47 35.07
N TYR A 31 -2.79 42.15 35.22
CA TYR A 31 -3.20 41.28 34.13
C TYR A 31 -4.11 40.17 34.65
N ALA A 32 -4.98 39.69 33.79
CA ALA A 32 -6.01 38.72 34.16
C ALA A 32 -5.52 37.30 33.91
N MET A 33 -6.11 36.34 34.64
CA MET A 33 -5.84 34.93 34.42
C MET A 33 -7.13 34.24 34.00
N SER A 34 -7.01 33.30 33.06
CA SER A 34 -8.16 32.58 32.54
C SER A 34 -8.06 31.10 32.86
N TRP A 35 -9.23 30.47 33.01
CA TRP A 35 -9.37 29.03 33.13
C TRP A 35 -10.06 28.49 31.90
N VAL A 36 -9.39 27.52 31.27
CA VAL A 36 -9.81 26.85 30.04
C VAL A 36 -9.76 25.35 30.33
N ARG A 37 -10.52 24.57 29.55
CA ARG A 37 -10.42 23.11 29.66
C ARG A 37 -10.56 22.49 28.28
N GLN A 38 -10.26 21.19 28.22
CA GLN A 38 -10.19 20.47 26.96
C GLN A 38 -10.37 18.99 27.28
N ALA A 39 -11.54 18.44 26.93
CA ALA A 39 -11.76 17.02 27.08
C ALA A 39 -10.89 16.25 26.10
N PRO A 40 -10.59 14.99 26.39
CA PRO A 40 -9.69 14.23 25.51
C PRO A 40 -10.19 14.22 24.07
N GLY A 41 -9.33 14.66 23.16
CA GLY A 41 -9.63 14.63 21.75
C GLY A 41 -10.58 15.71 21.26
N LYS A 42 -10.90 16.69 22.10
CA LYS A 42 -11.88 17.73 21.76
C LYS A 42 -11.20 19.10 21.81
N GLY A 43 -12.01 20.14 21.61
CA GLY A 43 -11.50 21.49 21.47
C GLY A 43 -11.35 22.22 22.80
N LEU A 44 -10.69 23.36 22.72
CA LEU A 44 -10.53 24.22 23.89
C LEU A 44 -11.86 24.85 24.26
N GLU A 45 -12.09 25.00 25.57
CA GLU A 45 -13.34 25.54 26.08
C GLU A 45 -13.05 26.57 27.15
N TRP A 46 -13.59 27.78 26.96
CA TRP A 46 -13.37 28.88 27.90
C TRP A 46 -14.27 28.71 29.11
N ILE A 47 -13.67 28.62 30.29
CA ILE A 47 -14.43 28.47 31.53
C ILE A 47 -14.66 29.84 32.13
N GLY A 48 -13.59 30.57 32.39
CA GLY A 48 -13.76 31.83 33.07
C GLY A 48 -12.47 32.62 33.17
N ILE A 49 -12.57 33.75 33.85
CA ILE A 49 -11.43 34.65 33.97
C ILE A 49 -11.59 35.49 35.24
N PHE A 50 -10.45 35.65 35.93
CA PHE A 50 -10.30 36.64 37.00
C PHE A 50 -9.56 37.83 36.41
N GLY A 51 -10.26 38.97 36.37
CA GLY A 51 -9.76 40.14 35.69
C GLY A 51 -8.75 40.92 36.49
N SER A 52 -8.12 41.89 35.82
CA SER A 52 -7.05 42.68 36.44
C SER A 52 -7.55 43.53 37.61
N LEU A 53 -8.84 43.88 37.64
CA LEU A 53 -9.40 44.72 38.69
C LEU A 53 -10.35 43.96 39.61
N GLY A 54 -10.26 42.63 39.62
CA GLY A 54 -11.07 41.83 40.49
C GLY A 54 -12.41 41.40 39.94
N GLY A 55 -12.70 41.71 38.68
CA GLY A 55 -13.89 41.18 38.06
C GLY A 55 -13.75 39.69 37.80
N ILE A 56 -14.83 38.95 38.04
CA ILE A 56 -14.87 37.51 37.86
C ILE A 56 -15.96 37.22 36.85
N PHE A 57 -15.60 36.58 35.75
CA PHE A 57 -16.56 36.31 34.68
C PHE A 57 -16.50 34.84 34.29
N TYR A 58 -17.67 34.27 34.04
CA TYR A 58 -17.82 32.85 33.71
C TYR A 58 -18.57 32.71 32.40
N ALA A 59 -18.30 31.61 31.70
CA ALA A 59 -19.14 31.22 30.58
C ALA A 59 -20.58 31.05 31.06
N SER A 60 -21.52 31.24 30.13
CA SER A 60 -22.94 31.14 30.49
C SER A 60 -23.25 29.76 31.09
N TRP A 61 -22.64 28.71 30.53
CA TRP A 61 -22.91 27.35 30.99
C TRP A 61 -22.16 26.98 32.27
N ALA A 62 -21.21 27.80 32.70
CA ALA A 62 -20.35 27.47 33.83
C ALA A 62 -20.77 28.14 35.12
N LYS A 63 -21.73 29.06 35.09
CA LYS A 63 -22.14 29.78 36.28
C LYS A 63 -22.83 28.84 37.24
N GLY A 64 -22.41 28.86 38.49
CA GLY A 64 -22.88 27.90 39.48
C GLY A 64 -22.00 26.67 39.56
N ARG A 65 -21.60 26.14 38.40
CA ARG A 65 -20.78 24.94 38.37
C ARG A 65 -19.33 25.19 38.75
N PHE A 66 -18.87 26.44 38.70
CA PHE A 66 -17.48 26.78 39.00
C PHE A 66 -17.44 28.06 39.82
N THR A 67 -16.41 28.15 40.68
CA THR A 67 -16.09 29.39 41.39
C THR A 67 -14.62 29.70 41.18
N ILE A 68 -14.34 30.88 40.63
CA ILE A 68 -12.98 31.36 40.41
C ILE A 68 -12.68 32.42 41.47
N SER A 69 -11.49 32.35 42.05
CA SER A 69 -11.08 33.31 43.07
C SER A 69 -9.57 33.48 43.03
N LYS A 70 -9.11 34.63 43.52
CA LYS A 70 -7.70 34.88 43.73
C LYS A 70 -7.39 34.68 45.20
N THR A 71 -6.51 33.74 45.51
CA THR A 71 -6.19 33.40 46.89
C THR A 71 -4.92 34.07 47.39
N SER A 72 -4.05 34.52 46.48
CA SER A 72 -2.86 35.25 46.86
C SER A 72 -2.36 36.02 45.65
N PRO A 73 -1.50 37.03 45.85
CA PRO A 73 -1.02 37.82 44.71
C PRO A 73 -0.48 37.01 43.54
N THR A 74 -0.18 35.72 43.74
CA THR A 74 0.37 34.89 42.67
C THR A 74 -0.44 33.63 42.41
N THR A 75 -1.60 33.46 43.03
CA THR A 75 -2.37 32.22 42.85
C THR A 75 -3.84 32.52 42.60
N VAL A 76 -4.45 31.73 41.69
CA VAL A 76 -5.86 31.82 41.40
C VAL A 76 -6.46 30.42 41.42
N ASP A 77 -7.64 30.28 42.01
CA ASP A 77 -8.28 28.99 42.20
C ASP A 77 -9.44 28.80 41.25
N LEU A 78 -9.72 27.53 40.93
CA LEU A 78 -10.92 27.12 40.22
C LEU A 78 -11.57 25.97 40.98
N LYS A 79 -12.67 26.26 41.65
CA LYS A 79 -13.38 25.25 42.44
C LYS A 79 -14.59 24.76 41.66
N ILE A 80 -14.57 23.47 41.32
CA ILE A 80 -15.71 22.80 40.72
C ILE A 80 -16.60 22.32 41.87
N THR A 81 -17.83 22.85 41.91
CA THR A 81 -18.67 22.73 43.08
C THR A 81 -19.17 21.30 43.26
N SER A 82 -19.70 20.70 42.20
CA SER A 82 -20.23 19.33 42.24
C SER A 82 -19.85 18.62 40.95
N PRO A 83 -18.66 18.02 40.90
CA PRO A 83 -18.17 17.44 39.64
C PRO A 83 -19.09 16.33 39.14
N THR A 84 -19.22 16.26 37.81
CA THR A 84 -19.94 15.19 37.14
C THR A 84 -19.02 14.57 36.11
N THR A 85 -19.51 13.47 35.50
CA THR A 85 -18.70 12.74 34.54
C THR A 85 -18.27 13.63 33.38
N GLU A 86 -19.16 14.50 32.92
CA GLU A 86 -18.83 15.36 31.77
C GLU A 86 -17.78 16.41 32.10
N ASP A 87 -17.37 16.54 33.35
CA ASP A 87 -16.32 17.48 33.73
C ASP A 87 -14.93 16.89 33.62
N THR A 88 -14.79 15.65 33.15
CA THR A 88 -13.48 15.06 32.95
C THR A 88 -12.78 15.77 31.81
N ALA A 89 -11.59 16.30 32.06
CA ALA A 89 -10.91 17.08 31.04
C ALA A 89 -9.55 17.52 31.55
N THR A 90 -8.69 17.92 30.62
CA THR A 90 -7.46 18.63 30.96
C THR A 90 -7.80 20.09 31.22
N TYR A 91 -7.37 20.61 32.36
CA TYR A 91 -7.65 21.98 32.75
C TYR A 91 -6.38 22.80 32.66
N PHE A 92 -6.47 23.90 31.92
CA PHE A 92 -5.38 24.85 31.70
C PHE A 92 -5.68 26.16 32.44
N CYS A 93 -4.63 26.72 33.02
CA CYS A 93 -4.63 28.10 33.49
C CYS A 93 -3.74 28.90 32.54
N ALA A 94 -4.22 30.04 32.06
CA ALA A 94 -3.47 30.72 31.02
C ALA A 94 -3.53 32.22 31.17
N ARG A 95 -2.38 32.84 30.91
CA ARG A 95 -2.26 34.27 30.66
C ARG A 95 -2.41 34.42 29.15
N MET A 96 -3.66 34.57 28.69
CA MET A 96 -3.99 34.47 27.27
C MET A 96 -4.53 35.80 26.76
N PRO A 97 -3.66 36.77 26.52
CA PRO A 97 -4.11 38.05 25.98
C PRO A 97 -4.60 37.92 24.56
N TYR A 98 -5.67 38.66 24.24
CA TYR A 98 -6.19 38.71 22.89
C TYR A 98 -5.54 39.79 22.04
N THR A 99 -4.93 40.81 22.65
CA THR A 99 -4.36 41.93 21.92
C THR A 99 -2.88 42.15 22.22
N THR A 100 -2.21 41.17 22.82
CA THR A 100 -0.75 41.20 22.96
C THR A 100 -0.22 39.79 22.75
N ASP A 101 1.11 39.69 22.68
CA ASP A 101 1.80 38.41 22.52
C ASP A 101 2.49 37.97 23.80
N ARG A 102 2.07 38.51 24.95
CA ARG A 102 2.59 38.08 26.25
C ARG A 102 1.71 36.95 26.77
N ASP A 103 1.83 35.82 26.09
CA ASP A 103 0.87 34.71 26.18
C ASP A 103 1.58 33.52 26.80
N PHE A 104 1.13 33.10 27.99
CA PHE A 104 1.77 32.03 28.75
C PHE A 104 0.71 31.07 29.26
N TRP A 105 0.85 29.80 28.91
CA TRP A 105 -0.05 28.74 29.34
C TRP A 105 0.68 27.75 30.23
N GLY A 106 -0.03 27.24 31.23
CA GLY A 106 0.48 26.14 32.03
C GLY A 106 0.41 24.85 31.24
N PRO A 107 1.07 23.79 31.75
CA PRO A 107 1.07 22.52 31.01
C PRO A 107 -0.27 21.80 31.05
N GLY A 108 -1.17 22.17 31.95
CA GLY A 108 -2.45 21.50 32.06
C GLY A 108 -2.41 20.37 33.07
N THR A 109 -3.55 20.15 33.71
CA THR A 109 -3.70 19.08 34.70
C THR A 109 -4.98 18.31 34.41
N LEU A 110 -4.88 16.99 34.33
CA LEU A 110 -6.02 16.16 33.98
C LEU A 110 -6.88 15.89 35.21
N VAL A 111 -8.17 16.19 35.09
CA VAL A 111 -9.15 15.88 36.12
C VAL A 111 -10.07 14.79 35.59
N THR A 112 -10.11 13.67 36.31
CA THR A 112 -10.98 12.54 35.99
C THR A 112 -12.04 12.43 37.07
N VAL A 113 -13.31 12.48 36.66
CA VAL A 113 -14.43 12.36 37.58
C VAL A 113 -15.00 10.95 37.41
N SER A 114 -14.77 10.11 38.42
CA SER A 114 -15.20 8.71 38.35
C SER A 114 -15.15 8.11 39.74
N SER A 115 -15.95 7.05 39.93
CA SER A 115 -15.98 6.34 41.20
C SER A 115 -14.99 5.19 41.26
N ALA A 116 -14.42 4.79 40.13
CA ALA A 116 -13.43 3.72 40.14
C ALA A 116 -12.23 4.11 40.98
N SER A 117 -11.49 3.10 41.43
CA SER A 117 -10.31 3.32 42.26
C SER A 117 -9.07 3.40 41.38
N THR A 118 -8.04 4.03 41.92
CA THR A 118 -6.78 4.16 41.20
C THR A 118 -6.04 2.83 41.22
N LYS A 119 -5.35 2.54 40.12
CA LYS A 119 -4.59 1.31 39.99
C LYS A 119 -3.29 1.59 39.26
N GLY A 120 -2.18 1.21 39.86
CA GLY A 120 -0.88 1.37 39.25
C GLY A 120 -0.70 0.41 38.09
N PRO A 121 0.13 0.79 37.12
CA PRO A 121 0.32 -0.05 35.94
C PRO A 121 1.22 -1.24 36.22
N SER A 122 1.09 -2.24 35.35
CA SER A 122 2.11 -3.28 35.20
C SER A 122 2.94 -2.93 33.98
N VAL A 123 4.26 -3.08 34.10
CA VAL A 123 5.17 -2.73 33.01
C VAL A 123 5.84 -4.01 32.53
N PHE A 124 5.63 -4.34 31.26
CA PHE A 124 6.18 -5.52 30.64
C PHE A 124 7.08 -5.12 29.48
N PRO A 125 8.16 -5.88 29.21
CA PRO A 125 9.08 -5.49 28.15
C PRO A 125 8.69 -6.04 26.77
N LEU A 126 8.78 -5.18 25.77
CA LEU A 126 8.64 -5.57 24.37
C LEU A 126 10.04 -5.73 23.82
N ALA A 127 10.57 -6.95 23.91
CA ALA A 127 11.98 -7.16 23.62
C ALA A 127 12.21 -7.36 22.13
N PRO A 128 13.40 -7.04 21.62
CA PRO A 128 13.70 -7.28 20.20
C PRO A 128 14.16 -8.71 19.98
N SER A 129 13.55 -9.39 19.02
CA SER A 129 13.89 -10.77 18.72
C SER A 129 14.88 -10.83 17.56
N SER A 130 15.11 -12.03 17.04
CA SER A 130 16.04 -12.24 15.95
C SER A 130 15.71 -11.34 14.76
N GLY A 136 19.78 -4.22 10.39
CA GLY A 136 20.04 -2.80 10.33
C GLY A 136 19.33 -2.02 11.43
N THR A 137 18.03 -2.21 11.55
CA THR A 137 17.21 -1.51 12.52
C THR A 137 16.47 -2.52 13.39
N ALA A 138 16.42 -2.22 14.69
CA ALA A 138 15.72 -3.04 15.68
C ALA A 138 14.75 -2.15 16.44
N ALA A 139 13.69 -2.78 16.96
CA ALA A 139 12.68 -2.07 17.72
C ALA A 139 12.49 -2.74 19.08
N LEU A 140 12.19 -1.93 20.08
CA LEU A 140 11.88 -2.44 21.41
C LEU A 140 10.91 -1.49 22.07
N GLY A 141 10.36 -1.89 23.21
CA GLY A 141 9.38 -1.04 23.85
C GLY A 141 9.00 -1.51 25.23
N CYS A 142 7.92 -0.90 25.74
CA CYS A 142 7.39 -1.14 27.06
C CYS A 142 5.87 -1.12 26.98
N LEU A 143 5.25 -2.21 27.43
CA LEU A 143 3.81 -2.30 27.56
C LEU A 143 3.41 -1.87 28.97
N VAL A 144 2.66 -0.78 29.06
CA VAL A 144 2.21 -0.20 30.32
C VAL A 144 0.73 -0.53 30.43
N LYS A 145 0.41 -1.59 31.17
CA LYS A 145 -0.86 -2.28 31.08
C LYS A 145 -1.69 -2.10 32.35
N ASP A 146 -2.98 -1.85 32.15
CA ASP A 146 -3.97 -1.90 33.21
C ASP A 146 -3.70 -0.90 34.34
N TYR A 147 -3.97 0.38 34.09
CA TYR A 147 -3.85 1.42 35.09
C TYR A 147 -5.06 2.33 35.02
N PHE A 148 -5.27 3.11 36.08
CA PHE A 148 -6.39 4.04 36.11
C PHE A 148 -6.14 5.04 37.24
N PRO A 149 -6.44 6.33 37.05
CA PRO A 149 -6.89 6.95 35.81
C PRO A 149 -5.71 7.32 34.93
N GLU A 150 -5.95 8.05 33.84
CA GLU A 150 -4.86 8.64 33.09
C GLU A 150 -4.27 9.79 33.90
N PRO A 151 -3.04 10.21 33.59
CA PRO A 151 -2.13 9.67 32.59
C PRO A 151 -0.91 8.98 33.21
N VAL A 152 -0.08 8.39 32.35
CA VAL A 152 1.26 7.95 32.74
C VAL A 152 2.26 8.72 31.90
N THR A 153 3.50 8.76 32.38
CA THR A 153 4.59 9.33 31.62
C THR A 153 5.66 8.26 31.40
N VAL A 154 6.23 8.24 30.20
CA VAL A 154 7.24 7.26 29.83
C VAL A 154 8.44 7.99 29.26
N SER A 155 9.62 7.74 29.82
CA SER A 155 10.87 8.19 29.26
C SER A 155 11.74 6.98 28.94
N TRP A 156 12.87 7.23 28.30
CA TRP A 156 13.81 6.16 27.94
C TRP A 156 15.21 6.58 28.37
N ASN A 157 15.86 5.74 29.17
CA ASN A 157 17.18 6.04 29.72
C ASN A 157 17.18 7.39 30.42
N SER A 158 16.14 7.61 31.23
CA SER A 158 16.03 8.81 32.05
C SER A 158 16.14 10.07 31.21
N GLY A 159 15.53 10.05 30.03
CA GLY A 159 15.50 11.19 29.14
C GLY A 159 16.66 11.26 28.16
N ALA A 160 17.72 10.49 28.37
CA ALA A 160 18.86 10.52 27.47
C ALA A 160 18.49 9.96 26.09
N LEU A 161 17.53 9.05 26.03
CA LEU A 161 17.09 8.45 24.78
C LEU A 161 15.80 9.11 24.34
N THR A 162 15.84 9.80 23.20
CA THR A 162 14.71 10.58 22.71
C THR A 162 14.43 10.41 21.23
N SER A 163 15.40 10.04 20.40
CA SER A 163 15.19 9.96 18.96
C SER A 163 14.55 8.63 18.60
N GLY A 164 13.50 8.69 17.78
CA GLY A 164 12.79 7.50 17.37
C GLY A 164 11.86 6.92 18.41
N VAL A 165 11.57 7.65 19.48
CA VAL A 165 10.62 7.20 20.49
C VAL A 165 9.22 7.53 20.03
N HIS A 166 8.31 6.57 20.15
CA HIS A 166 6.89 6.76 19.86
C HIS A 166 6.11 6.21 21.05
N THR A 167 5.46 7.11 21.78
CA THR A 167 4.60 6.74 22.90
C THR A 167 3.16 6.88 22.44
N PHE A 168 2.49 5.75 22.24
CA PHE A 168 1.15 5.76 21.67
C PHE A 168 0.13 6.19 22.71
N PRO A 169 -0.97 6.83 22.28
CA PRO A 169 -2.02 7.19 23.23
C PRO A 169 -2.63 5.96 23.87
N ALA A 170 -3.18 6.16 25.06
CA ALA A 170 -3.75 5.06 25.81
C ALA A 170 -5.08 4.62 25.21
N VAL A 171 -5.37 3.33 25.34
CA VAL A 171 -6.64 2.75 24.92
C VAL A 171 -7.38 2.27 26.16
N LEU A 172 -8.63 2.67 26.29
CA LEU A 172 -9.47 2.19 27.39
C LEU A 172 -9.85 0.74 27.13
N GLN A 173 -9.52 -0.13 28.08
CA GLN A 173 -9.80 -1.55 27.94
C GLN A 173 -11.25 -1.86 28.33
N SER A 174 -11.73 -3.02 27.88
CA SER A 174 -13.08 -3.45 28.24
C SER A 174 -13.24 -3.63 29.74
N SER A 175 -12.13 -3.77 30.47
CA SER A 175 -12.17 -3.86 31.91
C SER A 175 -12.31 -2.50 32.60
N GLY A 176 -12.30 -1.41 31.85
CA GLY A 176 -12.34 -0.08 32.42
C GLY A 176 -10.99 0.48 32.80
N LEU A 177 -9.91 -0.24 32.53
CA LEU A 177 -8.55 0.22 32.78
C LEU A 177 -7.90 0.65 31.47
N TYR A 178 -6.81 1.40 31.59
CA TYR A 178 -6.09 1.91 30.44
C TYR A 178 -4.83 1.09 30.18
N SER A 179 -4.46 1.01 28.90
CA SER A 179 -3.21 0.40 28.49
C SER A 179 -2.57 1.27 27.43
N LEU A 180 -1.25 1.28 27.44
CA LEU A 180 -0.45 2.16 26.61
C LEU A 180 0.85 1.43 26.28
N SER A 181 1.47 1.77 25.17
CA SER A 181 2.78 1.23 24.82
C SER A 181 3.70 2.36 24.39
N SER A 182 4.99 2.18 24.67
CA SER A 182 6.00 3.15 24.24
C SER A 182 7.15 2.39 23.62
N VAL A 183 7.46 2.70 22.35
CA VAL A 183 8.46 1.96 21.61
C VAL A 183 9.56 2.90 21.16
N VAL A 184 10.69 2.32 20.77
CA VAL A 184 11.81 3.07 20.22
C VAL A 184 12.54 2.15 19.25
N THR A 185 13.05 2.76 18.18
CA THR A 185 13.86 2.08 17.18
C THR A 185 15.31 2.52 17.34
N VAL A 186 16.22 1.55 17.25
CA VAL A 186 17.65 1.79 17.42
C VAL A 186 18.41 0.91 16.44
N PRO A 187 19.63 1.30 16.08
CA PRO A 187 20.45 0.42 15.25
C PRO A 187 20.67 -0.93 15.92
N SER A 188 20.65 -1.99 15.12
CA SER A 188 20.79 -3.34 15.67
C SER A 188 22.13 -3.55 16.34
N SER A 189 23.17 -2.83 15.90
CA SER A 189 24.48 -2.97 16.52
C SER A 189 24.47 -2.50 17.96
N SER A 190 23.58 -1.59 18.31
CA SER A 190 23.57 -0.98 19.64
C SER A 190 22.94 -1.86 20.71
N LEU A 191 22.36 -3.01 20.34
CA LEU A 191 21.59 -3.78 21.31
C LEU A 191 22.47 -4.35 22.41
N GLY A 192 23.60 -4.96 22.04
CA GLY A 192 24.50 -5.52 23.03
C GLY A 192 25.37 -4.49 23.73
N THR A 193 25.43 -3.27 23.20
CA THR A 193 26.39 -2.28 23.69
C THR A 193 25.85 -1.41 24.81
N GLN A 194 24.55 -1.12 24.82
CA GLN A 194 23.99 -0.18 25.77
C GLN A 194 22.77 -0.79 26.48
N THR A 195 22.53 -0.32 27.69
CA THR A 195 21.32 -0.67 28.42
C THR A 195 20.16 0.19 27.93
N TYR A 196 18.97 -0.42 27.89
CA TYR A 196 17.74 0.27 27.48
C TYR A 196 16.71 0.10 28.59
N ILE A 197 16.30 1.23 29.17
CA ILE A 197 15.40 1.24 30.33
C ILE A 197 14.29 2.23 30.07
N CYS A 198 13.05 1.81 30.29
CA CYS A 198 11.90 2.69 30.18
C CYS A 198 11.45 3.08 31.58
N ASN A 199 11.22 4.39 31.76
CA ASN A 199 10.86 4.96 33.06
C ASN A 199 9.40 5.37 32.99
N VAL A 200 8.55 4.58 33.64
CA VAL A 200 7.11 4.83 33.71
C VAL A 200 6.80 5.46 35.05
N ASN A 201 6.01 6.53 35.03
CA ASN A 201 5.54 7.16 36.26
C ASN A 201 4.04 7.37 36.16
N HIS A 202 3.31 6.86 37.14
CA HIS A 202 1.86 7.02 37.27
C HIS A 202 1.61 7.66 38.63
N LYS A 203 1.39 8.97 38.64
CA LYS A 203 1.34 9.73 39.89
C LYS A 203 0.06 9.44 40.68
N PRO A 204 -1.09 9.28 40.04
CA PRO A 204 -2.31 8.99 40.82
C PRO A 204 -2.19 7.79 41.73
N SER A 205 -1.44 6.76 41.35
CA SER A 205 -1.17 5.62 42.22
C SER A 205 0.19 5.72 42.88
N ASN A 206 0.93 6.80 42.66
CA ASN A 206 2.28 6.97 43.19
C ASN A 206 3.16 5.77 42.82
N THR A 207 3.00 5.30 41.59
CA THR A 207 3.82 4.22 41.06
C THR A 207 4.95 4.82 40.23
N LYS A 208 6.16 4.33 40.45
CA LYS A 208 7.30 4.69 39.61
C LYS A 208 8.10 3.43 39.34
N VAL A 209 8.17 3.03 38.08
CA VAL A 209 8.79 1.77 37.68
C VAL A 209 9.84 2.07 36.61
N ASP A 210 11.02 1.51 36.78
CA ASP A 210 12.06 1.54 35.75
C ASP A 210 12.29 0.11 35.29
N LYS A 211 12.13 -0.13 33.98
CA LYS A 211 12.12 -1.47 33.43
C LYS A 211 13.22 -1.61 32.39
N LYS A 212 14.08 -2.62 32.59
CA LYS A 212 15.13 -2.92 31.63
C LYS A 212 14.59 -3.87 30.58
N VAL A 213 14.71 -3.47 29.32
CA VAL A 213 14.25 -4.27 28.17
C VAL A 213 15.49 -4.80 27.48
N GLU A 214 15.57 -6.12 27.33
CA GLU A 214 16.75 -6.71 26.72
C GLU A 214 16.37 -7.96 25.96
N PRO A 215 17.12 -8.33 24.91
CA PRO A 215 16.91 -9.57 24.14
C PRO A 215 17.21 -10.83 24.96
N ASP B 1 -26.21 31.38 22.90
CA ASP B 1 -25.06 32.13 23.49
C ASP B 1 -24.13 32.62 22.37
N ILE B 2 -22.86 32.82 22.71
CA ILE B 2 -21.86 33.25 21.75
C ILE B 2 -21.27 32.02 21.07
N VAL B 3 -21.20 32.05 19.74
CA VAL B 3 -20.73 30.93 18.95
C VAL B 3 -19.63 31.42 18.00
N MET B 4 -18.57 30.63 17.89
CA MET B 4 -17.49 30.87 16.93
C MET B 4 -17.37 29.62 16.06
N THR B 5 -17.83 29.73 14.81
CA THR B 5 -17.86 28.61 13.88
C THR B 5 -16.59 28.64 13.04
N GLN B 6 -15.75 27.64 13.21
CA GLN B 6 -14.45 27.55 12.55
C GLN B 6 -14.51 26.48 11.47
N THR B 7 -14.16 26.86 10.25
CA THR B 7 -14.17 25.92 9.13
C THR B 7 -12.88 26.07 8.33
N PRO B 8 -12.37 24.97 7.73
CA PRO B 8 -12.93 23.62 7.81
C PRO B 8 -12.57 22.90 9.10
N SER B 9 -13.30 21.84 9.44
CA SER B 9 -12.97 21.06 10.62
C SER B 9 -11.61 20.40 10.48
N SER B 10 -11.23 20.01 9.27
CA SER B 10 -9.94 19.41 9.00
C SER B 10 -9.62 19.62 7.52
N THR B 11 -8.33 19.61 7.21
CA THR B 11 -7.89 19.84 5.85
C THR B 11 -6.48 19.27 5.68
N SER B 12 -6.03 19.20 4.43
CA SER B 12 -4.73 18.67 4.10
C SER B 12 -4.10 19.53 3.01
N ALA B 13 -2.77 19.61 3.05
CA ALA B 13 -2.03 20.35 2.04
C ALA B 13 -0.57 19.91 2.10
N ALA B 14 0.12 20.09 0.98
CA ALA B 14 1.50 19.67 0.86
C ALA B 14 2.46 20.75 1.34
N VAL B 15 3.70 20.36 1.55
CA VAL B 15 4.74 21.33 1.92
C VAL B 15 4.83 22.39 0.84
N GLY B 16 4.90 23.65 1.26
CA GLY B 16 4.95 24.77 0.35
C GLY B 16 3.61 25.29 -0.09
N GLY B 17 2.53 24.55 0.16
CA GLY B 17 1.20 24.99 -0.19
C GLY B 17 0.68 26.05 0.75
N THR B 18 -0.64 26.24 0.70
CA THR B 18 -1.30 27.28 1.47
C THR B 18 -2.61 26.74 1.99
N VAL B 19 -2.91 27.03 3.26
CA VAL B 19 -4.19 26.67 3.85
C VAL B 19 -4.84 27.93 4.41
N THR B 20 -6.17 27.95 4.35
CA THR B 20 -6.96 29.09 4.78
C THR B 20 -8.03 28.61 5.75
N ILE B 21 -8.03 29.19 6.95
CA ILE B 21 -8.94 28.82 8.03
C ILE B 21 -9.82 30.02 8.34
N THR B 22 -11.13 29.79 8.42
CA THR B 22 -12.10 30.86 8.62
C THR B 22 -12.80 30.69 9.97
N CYS B 23 -12.98 31.79 10.68
CA CYS B 23 -13.68 31.82 11.96
C CYS B 23 -14.80 32.84 11.88
N GLN B 24 -16.01 32.41 12.20
CA GLN B 24 -17.21 33.25 12.08
C GLN B 24 -17.87 33.37 13.45
N ALA B 25 -17.80 34.55 14.04
CA ALA B 25 -18.39 34.80 15.35
C ALA B 25 -19.83 35.28 15.20
N SER B 26 -20.65 34.93 16.19
CA SER B 26 -22.05 35.32 16.16
C SER B 26 -22.25 36.80 16.46
N GLN B 27 -21.25 37.47 17.04
CA GLN B 27 -21.29 38.91 17.23
C GLN B 27 -19.86 39.43 17.22
N SER B 28 -19.75 40.76 17.08
CA SER B 28 -18.43 41.37 16.96
C SER B 28 -17.62 41.17 18.23
N VAL B 29 -16.32 40.93 18.06
CA VAL B 29 -15.42 40.80 19.20
C VAL B 29 -15.31 42.13 19.93
N ALA B 30 -14.82 42.05 21.17
CA ALA B 30 -14.66 43.25 21.99
C ALA B 30 -13.67 44.20 21.34
N ASN B 31 -14.01 45.50 21.34
CA ASN B 31 -13.20 46.55 20.75
C ASN B 31 -12.87 46.29 19.28
N ASN B 32 -13.60 45.37 18.64
CA ASN B 32 -13.44 45.02 17.24
C ASN B 32 -12.10 44.37 16.93
N ASN B 33 -11.32 43.96 17.94
CA ASN B 33 -10.03 43.35 17.66
C ASN B 33 -9.55 42.35 18.72
N TYR B 34 -10.38 41.90 19.64
CA TYR B 34 -10.00 40.85 20.59
C TYR B 34 -10.13 39.50 19.90
N LEU B 35 -9.09 39.14 19.14
CA LEU B 35 -9.10 37.91 18.37
C LEU B 35 -7.67 37.44 18.18
N LYS B 36 -7.40 36.20 18.62
CA LYS B 36 -6.07 35.61 18.55
C LYS B 36 -6.14 34.24 17.89
N TRP B 37 -5.09 33.87 17.17
CA TRP B 37 -4.97 32.56 16.56
C TRP B 37 -3.87 31.75 17.23
N TYR B 38 -4.24 30.52 17.63
CA TYR B 38 -3.42 29.57 18.36
C TYR B 38 -3.16 28.32 17.51
N GLN B 39 -2.02 27.69 17.79
CA GLN B 39 -1.64 26.40 17.23
C GLN B 39 -1.34 25.44 18.38
N GLN B 40 -1.96 24.26 18.36
CA GLN B 40 -1.83 23.28 19.43
C GLN B 40 -1.45 21.92 18.88
N LYS B 41 -0.53 21.26 19.57
CA LYS B 41 -0.08 19.91 19.26
C LYS B 41 -0.35 18.99 20.44
N ARG B 42 -0.32 17.69 20.16
CA ARG B 42 -0.73 16.70 21.14
C ARG B 42 0.10 16.80 22.42
N GLY B 43 -0.59 16.80 23.55
CA GLY B 43 0.06 16.81 24.85
C GLY B 43 0.62 18.14 25.27
N GLN B 44 0.37 19.21 24.52
CA GLN B 44 0.93 20.51 24.81
C GLN B 44 -0.19 21.54 24.99
N PRO B 45 0.11 22.68 25.57
CA PRO B 45 -0.82 23.80 25.53
C PRO B 45 -0.72 24.53 24.20
N PRO B 46 -1.72 25.35 23.85
CA PRO B 46 -1.66 26.08 22.59
C PRO B 46 -0.55 27.11 22.57
N LYS B 47 -0.05 27.39 21.37
CA LYS B 47 1.00 28.37 21.15
C LYS B 47 0.47 29.47 20.22
N GLN B 48 0.61 30.71 20.64
CA GLN B 48 0.01 31.81 19.93
C GLN B 48 0.62 31.97 18.53
N LEU B 49 -0.22 32.43 17.60
CA LEU B 49 0.23 32.82 16.27
C LEU B 49 -0.07 34.28 16.01
N ILE B 50 -1.33 34.70 16.13
CA ILE B 50 -1.72 36.06 15.77
C ILE B 50 -2.49 36.68 16.93
N TYR B 51 -2.28 37.98 17.14
CA TYR B 51 -3.08 38.74 18.09
C TYR B 51 -3.59 40.00 17.41
N SER B 52 -4.60 40.62 18.02
CA SER B 52 -5.28 41.78 17.47
C SER B 52 -5.68 41.54 16.02
N VAL B 53 -6.23 40.36 15.76
CA VAL B 53 -6.77 39.99 14.45
C VAL B 53 -5.66 39.76 13.43
N SER B 54 -4.67 40.65 13.39
CA SER B 54 -3.71 40.66 12.28
C SER B 54 -2.25 40.83 12.69
N THR B 55 -1.94 41.10 13.95
CA THR B 55 -0.55 41.36 14.33
C THR B 55 0.18 40.04 14.58
N LEU B 56 1.37 39.92 14.01
CA LEU B 56 2.16 38.71 14.12
C LEU B 56 2.83 38.65 15.50
N ALA B 57 2.59 37.57 16.23
CA ALA B 57 3.20 37.40 17.54
C ALA B 57 4.71 37.29 17.41
N SER B 58 5.41 37.80 18.41
CA SER B 58 6.87 37.75 18.41
C SER B 58 7.35 36.31 18.27
N GLY B 59 8.31 36.10 17.37
CA GLY B 59 8.89 34.79 17.17
C GLY B 59 8.13 33.88 16.23
N VAL B 60 7.01 34.32 15.69
CA VAL B 60 6.19 33.51 14.77
C VAL B 60 6.60 33.84 13.35
N PRO B 61 6.79 32.86 12.47
CA PRO B 61 7.19 33.17 11.09
C PRO B 61 6.16 34.05 10.40
N SER B 62 6.63 34.87 9.45
CA SER B 62 5.77 35.83 8.76
C SER B 62 4.78 35.16 7.82
N ARG B 63 5.01 33.91 7.45
CA ARG B 63 4.09 33.20 6.57
C ARG B 63 2.73 32.95 7.20
N PHE B 64 2.60 33.13 8.52
CA PHE B 64 1.31 33.14 9.18
C PHE B 64 0.73 34.54 9.09
N LYS B 65 -0.44 34.67 8.48
CA LYS B 65 -1.08 35.96 8.33
C LYS B 65 -2.51 35.91 8.84
N GLY B 66 -2.91 36.94 9.56
CA GLY B 66 -4.27 37.07 10.06
C GLY B 66 -4.95 38.29 9.46
N SER B 67 -6.24 38.13 9.16
CA SER B 67 -7.05 39.22 8.65
C SER B 67 -8.47 39.03 9.14
N GLY B 68 -9.30 40.04 8.91
CA GLY B 68 -10.72 39.89 9.21
C GLY B 68 -11.38 41.22 9.47
N SER B 69 -12.71 41.14 9.59
CA SER B 69 -13.56 42.29 9.92
C SER B 69 -13.72 42.37 11.44
N GLY B 70 -14.96 42.42 11.94
CA GLY B 70 -15.22 42.40 13.35
C GLY B 70 -15.89 41.10 13.77
N THR B 71 -16.39 40.34 12.80
CA THR B 71 -17.08 39.07 13.07
C THR B 71 -16.60 37.91 12.24
N GLN B 72 -15.90 38.13 11.13
CA GLN B 72 -15.33 37.06 10.32
C GLN B 72 -13.84 37.28 10.19
N PHE B 73 -13.07 36.22 10.46
CA PHE B 73 -11.62 36.29 10.53
C PHE B 73 -11.02 35.16 9.73
N THR B 74 -9.81 35.39 9.22
CA THR B 74 -9.12 34.45 8.35
C THR B 74 -7.68 34.31 8.81
N LEU B 75 -7.24 33.06 8.98
CA LEU B 75 -5.84 32.72 9.18
C LEU B 75 -5.33 32.04 7.91
N THR B 76 -4.27 32.59 7.33
CA THR B 76 -3.68 32.05 6.12
C THR B 76 -2.26 31.61 6.41
N ILE B 77 -1.97 30.35 6.10
CA ILE B 77 -0.64 29.78 6.28
C ILE B 77 -0.08 29.48 4.90
N SER B 78 1.00 30.18 4.55
CA SER B 78 1.70 29.99 3.30
C SER B 78 3.01 29.24 3.53
N ASP B 79 3.58 28.74 2.44
CA ASP B 79 4.87 28.04 2.47
C ASP B 79 4.90 27.01 3.59
N LEU B 80 3.95 26.06 3.50
CA LEU B 80 3.80 25.08 4.57
C LEU B 80 5.08 24.29 4.79
N GLU B 81 5.36 24.01 6.06
CA GLU B 81 6.44 23.14 6.47
C GLU B 81 5.88 21.95 7.23
N ALA B 82 6.73 20.95 7.46
CA ALA B 82 6.32 19.80 8.24
C ALA B 82 5.86 20.22 9.63
N ASP B 83 6.49 21.27 10.20
CA ASP B 83 6.21 21.66 11.57
C ASP B 83 4.78 22.16 11.75
N ASP B 84 4.08 22.48 10.66
CA ASP B 84 2.74 23.07 10.76
C ASP B 84 1.65 22.05 11.05
N ALA B 85 1.98 20.76 11.12
CA ALA B 85 0.97 19.74 11.43
C ALA B 85 0.50 19.91 12.86
N ALA B 86 -0.76 20.31 13.03
CA ALA B 86 -1.30 20.61 14.36
C ALA B 86 -2.79 20.89 14.20
N THR B 87 -3.41 21.36 15.29
CA THR B 87 -4.80 21.82 15.27
C THR B 87 -4.83 23.29 15.67
N TYR B 88 -5.54 24.10 14.89
CA TYR B 88 -5.53 25.55 15.03
C TYR B 88 -6.86 26.03 15.58
N TYR B 89 -6.81 27.02 16.48
CA TYR B 89 -8.00 27.54 17.13
C TYR B 89 -8.05 29.06 17.04
N CYS B 90 -9.25 29.60 16.82
CA CYS B 90 -9.49 31.02 17.01
C CYS B 90 -10.02 31.26 18.42
N SER B 91 -9.53 32.33 19.04
CA SER B 91 -9.85 32.68 20.42
C SER B 91 -10.34 34.11 20.46
N GLY B 92 -11.57 34.32 20.94
CA GLY B 92 -12.18 35.63 20.93
C GLY B 92 -12.75 36.01 22.27
N TYR B 93 -12.87 37.33 22.46
CA TYR B 93 -13.46 37.92 23.65
C TYR B 93 -14.55 38.89 23.22
N PHE B 94 -15.57 39.03 24.07
CA PHE B 94 -16.79 39.72 23.66
C PHE B 94 -17.22 40.70 24.74
N ASN B 95 -18.04 41.67 24.33
CA ASN B 95 -18.32 42.84 25.16
C ASN B 95 -19.02 42.47 26.46
N ASN B 96 -19.75 41.36 26.49
CA ASN B 96 -20.39 40.90 27.72
C ASN B 96 -19.39 40.22 28.67
N ASN B 97 -18.09 40.35 28.43
CA ASN B 97 -17.06 39.67 29.21
C ASN B 97 -17.26 38.15 29.14
N ILE B 98 -17.05 37.65 27.92
CA ILE B 98 -17.16 36.22 27.61
C ILE B 98 -16.08 35.88 26.61
N GLY B 99 -15.32 34.84 26.89
CA GLY B 99 -14.35 34.31 25.96
C GLY B 99 -14.89 33.06 25.28
N ALA B 100 -14.40 32.78 24.08
CA ALA B 100 -14.84 31.60 23.35
C ALA B 100 -13.76 31.17 22.38
N PHE B 101 -13.86 29.91 21.95
CA PHE B 101 -12.97 29.32 20.96
C PHE B 101 -13.77 28.75 19.82
N GLY B 102 -13.18 28.76 18.63
CA GLY B 102 -13.70 27.96 17.55
C GLY B 102 -13.49 26.48 17.79
N GLY B 103 -14.24 25.67 17.07
CA GLY B 103 -14.17 24.23 17.26
C GLY B 103 -12.84 23.61 16.86
N GLY B 104 -11.96 24.37 16.23
CA GLY B 104 -10.65 23.88 15.85
C GLY B 104 -10.60 23.38 14.43
N THR B 105 -9.38 23.39 13.87
CA THR B 105 -9.14 22.93 12.51
C THR B 105 -7.87 22.08 12.51
N LYS B 106 -8.00 20.81 12.18
CA LYS B 106 -6.86 19.90 12.15
C LYS B 106 -6.23 19.91 10.77
N LEU B 107 -4.92 20.17 10.72
CA LEU B 107 -4.18 20.25 9.46
C LEU B 107 -3.21 19.09 9.36
N GLU B 108 -3.36 18.29 8.30
CA GLU B 108 -2.43 17.22 7.99
C GLU B 108 -1.50 17.66 6.86
N ILE B 109 -0.21 17.47 7.05
CA ILE B 109 0.79 17.80 6.03
C ILE B 109 0.96 16.60 5.12
N LYS B 110 0.74 16.82 3.83
CA LYS B 110 0.95 15.78 2.83
C LYS B 110 2.44 15.61 2.56
N ARG B 111 2.80 14.39 2.16
CA ARG B 111 4.18 14.07 1.81
C ARG B 111 4.16 12.84 0.91
N THR B 112 5.34 12.45 0.43
CA THR B 112 5.44 11.28 -0.42
C THR B 112 5.12 10.02 0.37
N VAL B 113 4.67 8.98 -0.35
CA VAL B 113 4.31 7.74 0.30
C VAL B 113 5.52 7.14 0.99
N ALA B 114 5.33 6.69 2.23
CA ALA B 114 6.39 6.06 3.01
C ALA B 114 5.86 4.75 3.56
N ALA B 115 6.48 3.64 3.17
CA ALA B 115 6.03 2.34 3.64
C ALA B 115 6.47 2.15 5.09
N PRO B 116 5.66 1.50 5.92
CA PRO B 116 6.04 1.30 7.33
C PRO B 116 7.12 0.25 7.46
N SER B 117 7.89 0.35 8.54
CA SER B 117 8.70 -0.78 8.97
C SER B 117 7.94 -1.51 10.07
N VAL B 118 7.81 -2.83 9.93
CA VAL B 118 6.92 -3.63 10.77
C VAL B 118 7.76 -4.48 11.72
N PHE B 119 7.31 -4.56 12.97
CA PHE B 119 7.94 -5.42 13.96
C PHE B 119 6.85 -6.14 14.74
N ILE B 120 7.13 -7.39 15.13
CA ILE B 120 6.20 -8.15 15.96
C ILE B 120 6.90 -8.50 17.26
N PHE B 121 6.17 -8.36 18.36
CA PHE B 121 6.66 -8.63 19.70
C PHE B 121 5.78 -9.69 20.34
N PRO B 122 6.32 -10.86 20.67
CA PRO B 122 5.56 -11.84 21.44
C PRO B 122 5.35 -11.35 22.86
N PRO B 123 4.40 -11.93 23.60
CA PRO B 123 4.20 -11.51 24.98
C PRO B 123 5.42 -11.82 25.83
N SER B 124 5.57 -11.04 26.90
CA SER B 124 6.66 -11.26 27.83
C SER B 124 6.34 -12.39 28.78
N ASP B 125 7.40 -13.04 29.27
CA ASP B 125 7.21 -14.07 30.29
C ASP B 125 6.61 -13.49 31.56
N GLU B 126 6.94 -12.25 31.89
CA GLU B 126 6.36 -11.62 33.07
C GLU B 126 4.86 -11.47 32.93
N GLN B 127 4.38 -11.14 31.72
CA GLN B 127 2.95 -11.03 31.52
C GLN B 127 2.29 -12.41 31.53
N LEU B 128 2.88 -13.36 30.81
CA LEU B 128 2.32 -14.71 30.78
C LEU B 128 2.18 -15.27 32.20
N LYS B 129 3.16 -14.97 33.07
CA LYS B 129 3.05 -15.38 34.47
C LYS B 129 1.78 -14.86 35.11
N SER B 130 1.36 -13.64 34.75
CA SER B 130 0.19 -13.02 35.34
C SER B 130 -1.12 -13.54 34.75
N GLY B 131 -1.06 -14.37 33.71
CA GLY B 131 -2.26 -14.99 33.16
C GLY B 131 -2.83 -14.32 31.93
N THR B 132 -2.16 -13.30 31.39
CA THR B 132 -2.61 -12.63 30.18
C THR B 132 -1.50 -12.64 29.14
N ALA B 133 -1.88 -12.42 27.89
CA ALA B 133 -0.95 -12.48 26.77
C ALA B 133 -1.33 -11.40 25.76
N SER B 134 -0.46 -10.41 25.59
CA SER B 134 -0.65 -9.34 24.63
C SER B 134 0.46 -9.41 23.59
N VAL B 135 0.08 -9.59 22.32
CA VAL B 135 1.02 -9.63 21.21
C VAL B 135 0.99 -8.26 20.53
N VAL B 136 2.15 -7.66 20.29
CA VAL B 136 2.19 -6.29 19.80
C VAL B 136 2.77 -6.27 18.39
N CYS B 137 2.12 -5.52 17.51
CA CYS B 137 2.60 -5.30 16.15
C CYS B 137 2.82 -3.81 15.96
N LEU B 138 3.98 -3.44 15.45
CA LEU B 138 4.40 -2.05 15.33
C LEU B 138 4.58 -1.70 13.86
N LEU B 139 3.80 -0.73 13.39
CA LEU B 139 4.04 -0.06 12.12
C LEU B 139 4.75 1.25 12.43
N ASN B 140 5.94 1.43 11.86
CA ASN B 140 6.80 2.54 12.22
C ASN B 140 7.03 3.45 11.02
N ASN B 141 6.77 4.75 11.25
CA ASN B 141 7.09 5.86 10.37
C ASN B 141 6.62 5.62 8.94
N PHE B 142 5.31 5.80 8.71
CA PHE B 142 4.71 5.56 7.40
C PHE B 142 3.73 6.68 7.07
N TYR B 143 3.42 6.78 5.78
CA TYR B 143 2.45 7.73 5.26
C TYR B 143 1.88 7.14 3.98
N PRO B 144 0.57 7.28 3.73
CA PRO B 144 -0.47 7.95 4.53
C PRO B 144 -0.89 7.17 5.77
N ARG B 145 -1.84 7.74 6.52
CA ARG B 145 -2.24 7.14 7.80
C ARG B 145 -3.03 5.85 7.59
N GLU B 146 -3.76 5.73 6.49
CA GLU B 146 -4.60 4.56 6.27
C GLU B 146 -3.72 3.33 6.11
N ALA B 147 -4.02 2.29 6.89
CA ALA B 147 -3.32 1.03 6.82
C ALA B 147 -4.26 -0.08 7.28
N LYS B 148 -4.08 -1.27 6.72
CA LYS B 148 -4.86 -2.43 7.13
C LYS B 148 -3.94 -3.41 7.86
N VAL B 149 -4.24 -3.66 9.13
CA VAL B 149 -3.43 -4.53 9.97
C VAL B 149 -4.34 -5.64 10.46
N GLN B 150 -4.08 -6.87 10.01
CA GLN B 150 -4.90 -8.02 10.34
C GLN B 150 -4.05 -9.07 11.05
N TRP B 151 -4.64 -9.70 12.06
CA TRP B 151 -3.97 -10.75 12.82
C TRP B 151 -4.40 -12.11 12.31
N LYS B 152 -3.44 -13.04 12.26
CA LYS B 152 -3.71 -14.42 11.86
C LYS B 152 -3.00 -15.35 12.83
N VAL B 153 -3.79 -16.15 13.55
CA VAL B 153 -3.26 -17.16 14.46
C VAL B 153 -3.54 -18.51 13.84
N ASP B 154 -2.48 -19.29 13.62
CA ASP B 154 -2.57 -20.51 12.81
C ASP B 154 -3.33 -20.24 11.51
N ASN B 155 -3.06 -19.07 10.91
CA ASN B 155 -3.65 -18.69 9.64
C ASN B 155 -5.17 -18.58 9.72
N ALA B 156 -5.69 -18.16 10.86
CA ALA B 156 -7.11 -17.87 11.02
C ALA B 156 -7.26 -16.38 11.32
N LEU B 157 -8.02 -15.68 10.47
CA LEU B 157 -8.18 -14.25 10.61
C LEU B 157 -8.90 -13.93 11.92
N GLN B 158 -8.26 -13.11 12.76
CA GLN B 158 -8.86 -12.68 14.01
C GLN B 158 -9.82 -11.52 13.76
N SER B 159 -10.74 -11.34 14.70
CA SER B 159 -11.71 -10.25 14.61
C SER B 159 -12.20 -9.88 16.00
N GLY B 160 -12.04 -8.60 16.34
CA GLY B 160 -12.60 -8.06 17.56
C GLY B 160 -11.75 -8.24 18.81
N ASN B 161 -10.61 -8.90 18.72
CA ASN B 161 -9.73 -9.09 19.87
C ASN B 161 -8.40 -8.37 19.71
N SER B 162 -8.35 -7.31 18.90
CA SER B 162 -7.16 -6.50 18.74
C SER B 162 -7.55 -5.03 18.82
N GLN B 163 -6.55 -4.19 19.08
CA GLN B 163 -6.79 -2.76 19.27
C GLN B 163 -5.65 -1.95 18.68
N GLU B 164 -6.00 -0.89 17.96
CA GLU B 164 -5.02 -0.04 17.30
C GLU B 164 -4.92 1.30 18.03
N SER B 165 -3.71 1.84 18.06
CA SER B 165 -3.45 3.18 18.58
C SER B 165 -2.46 3.85 17.64
N VAL B 166 -2.70 5.13 17.34
CA VAL B 166 -1.94 5.86 16.34
C VAL B 166 -1.38 7.14 16.95
N THR B 167 -0.14 7.46 16.59
CA THR B 167 0.48 8.70 17.02
C THR B 167 -0.13 9.88 16.28
N GLU B 168 0.20 11.09 16.75
CA GLU B 168 -0.04 12.27 15.94
C GLU B 168 0.91 12.24 14.74
N GLN B 169 0.69 13.17 13.81
CA GLN B 169 1.61 13.29 12.69
C GLN B 169 2.92 13.89 13.17
N ASP B 170 4.04 13.27 12.80
CA ASP B 170 5.34 13.73 13.25
C ASP B 170 5.68 15.07 12.61
N SER B 171 6.24 15.97 13.41
CA SER B 171 6.53 17.33 12.96
C SER B 171 7.83 17.43 12.15
N LYS B 172 8.60 16.35 12.07
CA LYS B 172 9.86 16.36 11.32
C LYS B 172 9.72 15.70 9.95
N ASP B 173 9.15 14.49 9.90
CA ASP B 173 9.02 13.75 8.65
C ASP B 173 7.57 13.53 8.23
N SER B 174 6.60 14.06 8.96
CA SER B 174 5.19 14.03 8.56
C SER B 174 4.66 12.60 8.46
N THR B 175 5.24 11.67 9.21
CA THR B 175 4.79 10.29 9.21
C THR B 175 3.95 10.00 10.44
N TYR B 176 3.28 8.83 10.41
CA TYR B 176 2.54 8.32 11.55
C TYR B 176 3.15 7.01 12.00
N SER B 177 2.85 6.63 13.23
CA SER B 177 3.20 5.32 13.76
C SER B 177 1.98 4.71 14.42
N LEU B 178 1.92 3.38 14.39
CA LEU B 178 0.72 2.66 14.80
C LEU B 178 1.11 1.39 15.55
N SER B 179 0.36 1.09 16.61
CA SER B 179 0.50 -0.15 17.34
C SER B 179 -0.82 -0.91 17.27
N SER B 180 -0.73 -2.21 17.00
CA SER B 180 -1.88 -3.11 16.98
C SER B 180 -1.62 -4.22 17.97
N THR B 181 -2.43 -4.30 19.02
CA THR B 181 -2.21 -5.22 20.13
C THR B 181 -3.32 -6.26 20.15
N LEU B 182 -2.93 -7.52 20.02
CA LEU B 182 -3.83 -8.66 20.14
C LEU B 182 -3.87 -9.07 21.61
N THR B 183 -5.08 -9.05 22.19
CA THR B 183 -5.27 -9.23 23.63
C THR B 183 -5.95 -10.58 23.88
N LEU B 184 -5.21 -11.49 24.49
CA LEU B 184 -5.71 -12.83 24.80
C LEU B 184 -5.41 -13.15 26.26
N SER B 185 -6.07 -14.18 26.76
CA SER B 185 -5.65 -14.80 28.01
C SER B 185 -4.50 -15.78 27.72
N LYS B 186 -3.78 -16.15 28.77
CA LYS B 186 -2.69 -17.11 28.59
C LYS B 186 -3.21 -18.43 28.04
N ALA B 187 -4.39 -18.87 28.49
CA ALA B 187 -4.94 -20.12 28.01
C ALA B 187 -5.16 -20.08 26.49
N ASP B 188 -6.00 -19.13 26.05
CA ASP B 188 -6.26 -18.97 24.63
C ASP B 188 -4.96 -18.80 23.85
N TYR B 189 -3.99 -18.10 24.44
CA TYR B 189 -2.70 -17.92 23.77
C TYR B 189 -2.02 -19.26 23.56
N GLU B 190 -1.94 -20.09 24.60
CA GLU B 190 -1.30 -21.39 24.51
C GLU B 190 -2.09 -22.37 23.66
N LYS B 191 -3.31 -22.03 23.25
CA LYS B 191 -4.03 -22.90 22.33
C LYS B 191 -3.40 -22.98 20.94
N HIS B 192 -2.53 -22.05 20.56
CA HIS B 192 -2.09 -21.93 19.17
C HIS B 192 -0.57 -21.79 19.09
N LYS B 193 -0.06 -21.85 17.86
CA LYS B 193 1.38 -21.87 17.59
C LYS B 193 1.85 -20.66 16.79
N VAL B 194 1.31 -20.45 15.60
CA VAL B 194 1.82 -19.42 14.70
C VAL B 194 1.03 -18.13 14.93
N TYR B 195 1.75 -17.05 15.22
CA TYR B 195 1.13 -15.73 15.38
C TYR B 195 1.72 -14.79 14.34
N ALA B 196 0.85 -14.20 13.52
CA ALA B 196 1.27 -13.40 12.38
C ALA B 196 0.51 -12.09 12.32
N CYS B 197 1.25 -11.02 12.04
CA CYS B 197 0.72 -9.69 11.79
C CYS B 197 0.90 -9.38 10.32
N GLU B 198 -0.21 -9.14 9.62
CA GLU B 198 -0.22 -8.86 8.19
C GLU B 198 -0.58 -7.40 7.96
N VAL B 199 0.26 -6.70 7.21
CA VAL B 199 0.19 -5.26 7.02
C VAL B 199 0.01 -4.99 5.53
N THR B 200 -1.05 -4.28 5.19
CA THR B 200 -1.31 -3.80 3.84
C THR B 200 -1.27 -2.27 3.87
N HIS B 201 -0.47 -1.70 2.97
CA HIS B 201 -0.26 -0.26 2.95
C HIS B 201 0.08 0.17 1.53
N GLN B 202 -0.28 1.41 1.21
CA GLN B 202 -0.05 1.95 -0.13
C GLN B 202 1.42 1.89 -0.51
N GLY B 203 2.32 1.90 0.48
CA GLY B 203 3.74 1.86 0.23
C GLY B 203 4.31 0.50 -0.04
N LEU B 204 3.54 -0.56 0.20
CA LEU B 204 3.99 -1.94 0.02
C LEU B 204 3.35 -2.51 -1.24
N SER B 205 4.18 -3.08 -2.12
CA SER B 205 3.67 -3.71 -3.33
C SER B 205 2.71 -4.83 -3.01
N SER B 206 3.00 -5.60 -1.97
CA SER B 206 2.12 -6.65 -1.49
C SER B 206 2.20 -6.70 0.02
N PRO B 207 1.19 -7.25 0.69
CA PRO B 207 1.17 -7.22 2.16
C PRO B 207 2.41 -7.87 2.77
N VAL B 208 2.96 -7.20 3.77
CA VAL B 208 4.10 -7.71 4.54
C VAL B 208 3.56 -8.50 5.73
N THR B 209 4.20 -9.63 6.04
CA THR B 209 3.81 -10.44 7.18
C THR B 209 5.00 -10.62 8.12
N LYS B 210 4.78 -10.34 9.41
CA LYS B 210 5.77 -10.58 10.45
C LYS B 210 5.17 -11.55 11.46
N SER B 211 5.84 -12.68 11.69
CA SER B 211 5.25 -13.75 12.48
C SER B 211 6.29 -14.37 13.39
N PHE B 212 5.80 -15.14 14.36
CA PHE B 212 6.65 -15.94 15.23
C PHE B 212 5.89 -17.20 15.64
N ASN B 213 6.64 -18.20 16.06
CA ASN B 213 6.08 -19.44 16.61
C ASN B 213 6.16 -19.38 18.13
N ARG B 214 5.04 -19.64 18.79
CA ARG B 214 4.98 -19.55 20.24
C ARG B 214 6.01 -20.49 20.87
N GLY B 215 6.89 -19.91 21.69
CA GLY B 215 7.86 -20.69 22.44
C GLY B 215 9.13 -21.04 21.71
N GLU B 216 9.36 -20.45 20.54
CA GLU B 216 10.57 -20.78 19.77
C GLU B 216 11.81 -20.12 20.38
N GLN C 1 21.16 -23.50 -9.60
CA GLN C 1 20.36 -24.19 -10.65
C GLN C 1 19.47 -23.20 -11.38
N SER C 2 20.06 -22.52 -12.37
CA SER C 2 19.34 -21.56 -13.20
C SER C 2 19.89 -21.61 -14.61
N VAL C 3 19.05 -21.20 -15.56
CA VAL C 3 19.37 -21.22 -16.99
C VAL C 3 19.02 -19.85 -17.56
N GLU C 4 19.84 -19.36 -18.49
CA GLU C 4 19.65 -18.04 -19.07
C GLU C 4 20.00 -18.08 -20.55
N GLU C 5 19.06 -17.68 -21.40
CA GLU C 5 19.31 -17.56 -22.83
C GLU C 5 19.68 -16.12 -23.18
N SER C 6 20.51 -15.98 -24.21
CA SER C 6 20.94 -14.67 -24.67
C SER C 6 21.24 -14.73 -26.15
N GLY C 7 21.24 -13.55 -26.78
CA GLY C 7 21.53 -13.41 -28.18
C GLY C 7 20.31 -13.25 -29.08
N GLY C 8 19.12 -13.16 -28.50
CA GLY C 8 17.91 -13.01 -29.29
C GLY C 8 17.76 -11.61 -29.84
N GLY C 9 16.64 -11.39 -30.51
CA GLY C 9 16.36 -10.09 -31.11
C GLY C 9 16.02 -10.17 -32.58
N LEU C 10 16.26 -9.08 -33.30
CA LEU C 10 15.91 -8.99 -34.72
C LEU C 10 17.07 -9.46 -35.58
N VAL C 11 16.77 -10.28 -36.60
CA VAL C 11 17.78 -10.78 -37.51
C VAL C 11 17.22 -10.78 -38.92
N THR C 12 18.10 -10.54 -39.89
CA THR C 12 17.71 -10.46 -41.29
C THR C 12 17.58 -11.87 -41.88
N PRO C 13 16.55 -12.13 -42.69
CA PRO C 13 16.42 -13.47 -43.27
C PRO C 13 17.66 -13.87 -44.05
N GLY C 14 18.20 -15.04 -43.71
CA GLY C 14 19.40 -15.55 -44.33
C GLY C 14 20.69 -15.22 -43.61
N THR C 15 20.63 -14.41 -42.56
CA THR C 15 21.81 -14.08 -41.77
C THR C 15 21.94 -15.07 -40.62
N PRO C 16 23.01 -15.86 -40.54
CA PRO C 16 23.16 -16.81 -39.42
C PRO C 16 22.92 -16.13 -38.07
N LEU C 17 22.36 -16.87 -37.13
CA LEU C 17 22.07 -16.32 -35.81
C LEU C 17 22.38 -17.35 -34.74
N THR C 18 23.23 -16.99 -33.78
CA THR C 18 23.64 -17.91 -32.72
C THR C 18 23.10 -17.43 -31.39
N LEU C 19 22.30 -18.27 -30.74
CA LEU C 19 21.84 -18.06 -29.38
C LEU C 19 22.74 -18.82 -28.41
N THR C 20 22.90 -18.28 -27.21
CA THR C 20 23.77 -18.86 -26.19
C THR C 20 22.95 -19.17 -24.95
N CYS C 21 23.23 -20.33 -24.37
CA CYS C 21 22.58 -20.81 -23.16
C CYS C 21 23.62 -20.95 -22.08
N THR C 22 23.43 -20.22 -20.99
CA THR C 22 24.35 -20.19 -19.86
C THR C 22 23.66 -20.79 -18.64
N VAL C 23 24.29 -21.79 -18.03
CA VAL C 23 23.74 -22.47 -16.87
C VAL C 23 24.57 -22.13 -15.64
N SER C 24 23.93 -22.17 -14.49
CA SER C 24 24.60 -21.94 -13.21
C SER C 24 24.06 -22.95 -12.20
N GLY C 25 24.96 -23.67 -11.55
CA GLY C 25 24.53 -24.70 -10.62
C GLY C 25 23.95 -25.92 -11.29
N ILE C 26 24.28 -26.16 -12.56
CA ILE C 26 23.83 -27.34 -13.29
C ILE C 26 25.08 -27.99 -13.90
N ASP C 27 25.21 -29.29 -13.73
CA ASP C 27 26.41 -30.02 -14.14
C ASP C 27 26.21 -30.57 -15.54
N LEU C 28 26.73 -29.87 -16.54
CA LEU C 28 26.60 -30.29 -17.93
C LEU C 28 27.54 -31.42 -18.31
N SER C 29 28.46 -31.81 -17.41
CA SER C 29 29.23 -33.02 -17.63
C SER C 29 28.45 -34.28 -17.26
N ARG C 30 27.26 -34.13 -16.68
CA ARG C 30 26.45 -35.26 -16.27
C ARG C 30 24.99 -35.15 -16.70
N TYR C 31 24.58 -34.04 -17.30
CA TYR C 31 23.19 -33.86 -17.71
C TYR C 31 23.13 -33.14 -19.04
N ALA C 32 22.02 -33.37 -19.76
CA ALA C 32 21.84 -32.84 -21.11
C ALA C 32 21.09 -31.52 -21.07
N MET C 33 21.28 -30.72 -22.12
CA MET C 33 20.53 -29.48 -22.28
C MET C 33 19.73 -29.53 -23.58
N SER C 34 18.52 -28.98 -23.55
CA SER C 34 17.62 -29.03 -24.69
C SER C 34 17.32 -27.63 -25.20
N TRP C 35 17.05 -27.56 -26.50
CA TRP C 35 16.56 -26.34 -27.14
C TRP C 35 15.13 -26.59 -27.63
N VAL C 36 14.22 -25.75 -27.17
CA VAL C 36 12.79 -25.75 -27.48
C VAL C 36 12.47 -24.38 -28.06
N ARG C 37 11.36 -24.30 -28.79
CA ARG C 37 10.89 -22.99 -29.27
C ARG C 37 9.37 -22.97 -29.26
N GLN C 38 8.82 -21.76 -29.40
CA GLN C 38 7.39 -21.54 -29.27
C GLN C 38 7.04 -20.25 -30.02
N ALA C 39 6.38 -20.40 -31.16
CA ALA C 39 5.89 -19.24 -31.88
C ALA C 39 4.78 -18.56 -31.07
N PRO C 40 4.55 -17.27 -31.29
CA PRO C 40 3.54 -16.57 -30.49
C PRO C 40 2.16 -17.22 -30.62
N GLY C 41 1.59 -17.55 -29.47
CA GLY C 41 0.26 -18.16 -29.44
C GLY C 41 0.19 -19.61 -29.83
N LYS C 42 1.32 -20.29 -29.95
CA LYS C 42 1.37 -21.67 -30.40
C LYS C 42 2.11 -22.52 -29.37
N GLY C 43 2.26 -23.81 -29.69
CA GLY C 43 2.73 -24.78 -28.72
C GLY C 43 4.24 -24.93 -28.67
N LEU C 44 4.69 -25.62 -27.63
CA LEU C 44 6.11 -25.92 -27.48
C LEU C 44 6.57 -26.86 -28.58
N GLU C 45 7.79 -26.67 -29.03
CA GLU C 45 8.34 -27.37 -30.19
C GLU C 45 9.78 -27.76 -29.90
N TRP C 46 10.06 -29.06 -29.96
CA TRP C 46 11.38 -29.58 -29.61
C TRP C 46 12.33 -29.35 -30.77
N ILE C 47 13.45 -28.66 -30.51
CA ILE C 47 14.46 -28.43 -31.53
C ILE C 47 15.54 -29.50 -31.41
N GLY C 48 16.15 -29.60 -30.25
CA GLY C 48 17.27 -30.53 -30.15
C GLY C 48 17.79 -30.67 -28.74
N ILE C 49 18.88 -31.43 -28.63
CA ILE C 49 19.47 -31.71 -27.33
C ILE C 49 20.96 -32.02 -27.50
N PHE C 50 21.75 -31.46 -26.59
CA PHE C 50 23.14 -31.86 -26.38
C PHE C 50 23.16 -32.78 -25.17
N GLY C 51 23.51 -34.04 -25.41
CA GLY C 51 23.42 -35.06 -24.39
C GLY C 51 24.55 -35.01 -23.38
N SER C 52 24.39 -35.80 -22.32
CA SER C 52 25.35 -35.79 -21.22
C SER C 52 26.71 -36.34 -21.63
N LEU C 53 26.80 -37.11 -22.70
CA LEU C 53 28.06 -37.67 -23.18
C LEU C 53 28.41 -37.18 -24.57
N GLY C 54 27.91 -36.00 -24.95
CA GLY C 54 28.32 -35.35 -26.17
C GLY C 54 27.51 -35.70 -27.40
N GLY C 55 26.52 -36.58 -27.29
CA GLY C 55 25.64 -36.82 -28.41
C GLY C 55 24.80 -35.59 -28.71
N ILE C 56 24.62 -35.33 -30.00
CA ILE C 56 23.86 -34.17 -30.47
C ILE C 56 22.72 -34.69 -31.32
N PHE C 57 21.48 -34.44 -30.88
CA PHE C 57 20.32 -34.98 -31.57
C PHE C 57 19.35 -33.86 -31.94
N TYR C 58 18.72 -34.01 -33.11
CA TYR C 58 17.85 -33.00 -33.69
C TYR C 58 16.50 -33.61 -34.04
N ALA C 59 15.49 -32.75 -34.09
CA ALA C 59 14.22 -33.12 -34.68
C ALA C 59 14.41 -33.40 -36.17
N SER C 60 13.58 -34.29 -36.71
CA SER C 60 13.65 -34.60 -38.13
C SER C 60 13.48 -33.34 -38.97
N TRP C 61 12.55 -32.47 -38.58
CA TRP C 61 12.28 -31.28 -39.38
C TRP C 61 13.39 -30.24 -39.30
N ALA C 62 14.33 -30.39 -38.36
CA ALA C 62 15.45 -29.45 -38.30
C ALA C 62 16.34 -29.59 -39.53
N LYS C 63 16.62 -30.82 -39.95
CA LYS C 63 17.57 -31.09 -41.03
C LYS C 63 18.88 -30.39 -40.64
N GLY C 64 19.44 -29.53 -41.49
CA GLY C 64 20.59 -28.73 -41.12
C GLY C 64 20.23 -27.28 -40.86
N ARG C 65 18.97 -27.03 -40.47
CA ARG C 65 18.54 -25.68 -40.15
C ARG C 65 19.15 -25.19 -38.83
N PHE C 66 19.60 -26.10 -37.97
CA PHE C 66 20.18 -25.72 -36.69
C PHE C 66 21.43 -26.54 -36.43
N THR C 67 22.38 -25.92 -35.73
CA THR C 67 23.56 -26.61 -35.22
C THR C 67 23.66 -26.35 -33.73
N ILE C 68 23.70 -27.43 -32.95
CA ILE C 68 23.87 -27.36 -31.49
C ILE C 68 25.32 -27.69 -31.18
N SER C 69 25.87 -27.02 -30.17
CA SER C 69 27.24 -27.28 -29.75
C SER C 69 27.41 -26.83 -28.30
N LYS C 70 28.39 -27.44 -27.64
CA LYS C 70 28.80 -27.04 -26.29
C LYS C 70 30.08 -26.23 -26.43
N THR C 71 30.00 -24.94 -26.11
CA THR C 71 31.11 -24.03 -26.29
C THR C 71 32.01 -23.93 -25.06
N SER C 72 31.49 -24.31 -23.90
CA SER C 72 32.26 -24.28 -22.66
C SER C 72 31.53 -25.13 -21.63
N PRO C 73 32.21 -25.55 -20.56
CA PRO C 73 31.56 -26.43 -19.57
C PRO C 73 30.22 -25.93 -19.07
N THR C 74 29.91 -24.64 -19.26
CA THR C 74 28.64 -24.08 -18.78
C THR C 74 27.82 -23.41 -19.87
N THR C 75 28.18 -23.53 -21.14
CA THR C 75 27.41 -22.88 -22.20
C THR C 75 27.11 -23.84 -23.35
N VAL C 76 25.91 -23.72 -23.90
CA VAL C 76 25.48 -24.50 -25.07
C VAL C 76 24.91 -23.53 -26.10
N ASP C 77 25.29 -23.72 -27.36
CA ASP C 77 24.90 -22.81 -28.43
C ASP C 77 23.83 -23.44 -29.31
N LEU C 78 22.98 -22.58 -29.89
CA LEU C 78 22.06 -22.97 -30.94
C LEU C 78 22.23 -22.00 -32.10
N LYS C 79 22.76 -22.49 -33.21
CA LYS C 79 22.94 -21.67 -34.40
C LYS C 79 21.87 -22.00 -35.43
N ILE C 80 21.09 -20.98 -35.79
CA ILE C 80 20.17 -21.05 -36.92
C ILE C 80 20.97 -20.63 -38.15
N THR C 81 21.17 -21.57 -39.07
CA THR C 81 22.15 -21.39 -40.14
C THR C 81 21.64 -20.46 -41.24
N SER C 82 20.35 -20.53 -41.56
CA SER C 82 19.76 -19.67 -42.58
C SER C 82 18.36 -19.29 -42.14
N PRO C 83 18.23 -18.30 -41.25
CA PRO C 83 16.91 -18.00 -40.67
C PRO C 83 15.90 -17.59 -41.75
N THR C 84 14.67 -18.05 -41.57
CA THR C 84 13.57 -17.66 -42.44
C THR C 84 12.45 -17.07 -41.57
N THR C 85 11.45 -16.51 -42.25
CA THR C 85 10.35 -15.85 -41.55
C THR C 85 9.65 -16.79 -40.58
N GLU C 86 9.53 -18.07 -40.94
CA GLU C 86 8.84 -19.03 -40.09
C GLU C 86 9.63 -19.39 -38.84
N ASP C 87 10.86 -18.90 -38.69
CA ASP C 87 11.66 -19.17 -37.50
C ASP C 87 11.44 -18.16 -36.39
N THR C 88 10.53 -17.20 -36.58
CA THR C 88 10.23 -16.23 -35.54
C THR C 88 9.56 -16.95 -34.36
N ALA C 89 10.16 -16.85 -33.19
CA ALA C 89 9.63 -17.58 -32.05
C ALA C 89 10.41 -17.22 -30.80
N THR C 90 9.83 -17.56 -29.65
CA THR C 90 10.57 -17.53 -28.39
C THR C 90 11.35 -18.83 -28.25
N TYR C 91 12.65 -18.71 -28.01
CA TYR C 91 13.54 -19.86 -27.90
C TYR C 91 13.91 -20.07 -26.45
N PHE C 92 13.73 -21.31 -25.98
CA PHE C 92 14.01 -21.73 -24.62
C PHE C 92 15.20 -22.68 -24.61
N CYS C 93 16.10 -22.48 -23.65
CA CYS C 93 17.07 -23.49 -23.24
C CYS C 93 16.57 -24.11 -21.95
N ALA C 94 16.62 -25.44 -21.86
CA ALA C 94 15.98 -26.09 -20.74
C ALA C 94 16.71 -27.34 -20.29
N ARG C 95 16.83 -27.46 -18.97
CA ARG C 95 17.20 -28.70 -18.30
C ARG C 95 15.89 -29.40 -18.00
N MET C 96 15.39 -30.19 -18.96
CA MET C 96 14.03 -30.70 -18.97
C MET C 96 14.03 -32.22 -18.90
N PRO C 97 14.31 -32.79 -17.74
CA PRO C 97 14.33 -34.26 -17.63
C PRO C 97 12.94 -34.85 -17.70
N TYR C 98 12.86 -36.04 -18.28
CA TYR C 98 11.59 -36.75 -18.39
C TYR C 98 11.30 -37.65 -17.21
N THR C 99 12.34 -38.07 -16.47
CA THR C 99 12.19 -39.05 -15.39
C THR C 99 12.63 -38.52 -14.04
N THR C 100 12.97 -37.23 -13.94
CA THR C 100 13.27 -36.60 -12.66
C THR C 100 12.55 -35.27 -12.59
N ASP C 101 12.57 -34.66 -11.40
CA ASP C 101 11.97 -33.35 -11.18
C ASP C 101 13.01 -32.25 -11.03
N ARG C 102 14.23 -32.47 -11.52
CA ARG C 102 15.26 -31.44 -11.52
C ARG C 102 15.17 -30.68 -12.86
N ASP C 103 14.14 -29.86 -12.93
CA ASP C 103 13.66 -29.25 -14.16
C ASP C 103 13.85 -27.74 -14.08
N PHE C 104 14.64 -27.19 -15.00
CA PHE C 104 14.97 -25.78 -14.98
C PHE C 104 14.94 -25.23 -16.40
N TRP C 105 14.07 -24.25 -16.64
CA TRP C 105 13.97 -23.57 -17.92
C TRP C 105 14.42 -22.13 -17.78
N GLY C 106 15.00 -21.60 -18.86
CA GLY C 106 15.30 -20.19 -18.93
C GLY C 106 14.05 -19.39 -19.22
N PRO C 107 14.13 -18.06 -19.10
CA PRO C 107 12.95 -17.23 -19.35
C PRO C 107 12.53 -17.18 -20.81
N GLY C 108 13.42 -17.52 -21.73
CA GLY C 108 13.12 -17.48 -23.15
C GLY C 108 13.60 -16.21 -23.80
N THR C 109 14.06 -16.29 -25.05
CA THR C 109 14.54 -15.14 -25.79
C THR C 109 13.84 -15.09 -27.14
N LEU C 110 13.28 -13.93 -27.48
CA LEU C 110 12.44 -13.78 -28.67
C LEU C 110 13.31 -13.47 -29.88
N VAL C 111 13.24 -14.33 -30.89
CA VAL C 111 13.93 -14.14 -32.16
C VAL C 111 12.88 -13.74 -33.20
N THR C 112 13.11 -12.58 -33.83
CA THR C 112 12.24 -12.06 -34.88
C THR C 112 13.04 -12.00 -36.18
N VAL C 113 12.60 -12.75 -37.17
CA VAL C 113 13.28 -12.82 -38.46
C VAL C 113 12.50 -11.91 -39.42
N SER C 114 13.05 -10.73 -39.70
CA SER C 114 12.41 -9.78 -40.58
C SER C 114 13.46 -8.83 -41.14
N SER C 115 13.12 -8.20 -42.26
CA SER C 115 13.98 -7.19 -42.87
C SER C 115 13.61 -5.78 -42.43
N ALA C 116 12.50 -5.60 -41.72
CA ALA C 116 12.14 -4.29 -41.21
C ALA C 116 13.19 -3.81 -40.21
N SER C 117 13.16 -2.52 -39.94
CA SER C 117 14.13 -1.88 -39.07
C SER C 117 13.57 -1.71 -37.67
N THR C 118 14.47 -1.72 -36.68
CA THR C 118 14.07 -1.47 -35.31
C THR C 118 13.52 -0.06 -35.16
N LYS C 119 12.44 0.07 -34.39
CA LYS C 119 11.86 1.38 -34.08
C LYS C 119 11.47 1.39 -32.62
N GLY C 120 11.97 2.37 -31.88
CA GLY C 120 11.62 2.54 -30.49
C GLY C 120 10.20 3.03 -30.35
N PRO C 121 9.57 2.74 -29.22
CA PRO C 121 8.18 3.16 -29.01
C PRO C 121 8.07 4.62 -28.62
N SER C 122 6.90 5.18 -28.89
CA SER C 122 6.46 6.40 -28.23
C SER C 122 5.53 6.02 -27.09
N VAL C 123 5.59 6.78 -26.00
CA VAL C 123 4.79 6.47 -24.82
C VAL C 123 3.89 7.66 -24.51
N PHE C 124 2.59 7.40 -24.42
CA PHE C 124 1.60 8.44 -24.17
C PHE C 124 0.79 8.10 -22.93
N PRO C 125 0.38 9.10 -22.15
CA PRO C 125 -0.34 8.81 -20.91
C PRO C 125 -1.83 8.55 -21.14
N LEU C 126 -2.35 7.54 -20.44
CA LEU C 126 -3.78 7.30 -20.33
C LEU C 126 -4.21 7.89 -19.00
N ALA C 127 -4.54 9.18 -19.00
CA ALA C 127 -4.78 9.92 -17.79
C ALA C 127 -6.18 9.63 -17.22
N PRO C 128 -6.33 9.60 -15.90
CA PRO C 128 -7.64 9.38 -15.31
C PRO C 128 -8.45 10.66 -15.23
N SER C 129 -9.77 10.49 -15.41
CA SER C 129 -10.71 11.60 -15.31
C SER C 129 -10.34 12.72 -16.29
N GLY C 135 -15.98 7.76 -9.96
CA GLY C 135 -16.32 6.86 -8.87
C GLY C 135 -15.25 6.81 -7.79
N GLY C 136 -15.29 5.78 -6.96
CA GLY C 136 -14.26 5.54 -5.96
C GLY C 136 -13.06 4.77 -6.46
N THR C 137 -13.14 4.27 -7.70
CA THR C 137 -12.05 3.55 -8.34
C THR C 137 -11.70 4.26 -9.64
N ALA C 138 -10.42 4.52 -9.84
CA ALA C 138 -9.91 5.20 -11.02
C ALA C 138 -8.94 4.30 -11.76
N ALA C 139 -8.79 4.55 -13.05
CA ALA C 139 -7.90 3.79 -13.91
C ALA C 139 -6.93 4.73 -14.62
N LEU C 140 -5.66 4.34 -14.65
CA LEU C 140 -4.64 5.05 -15.40
C LEU C 140 -3.96 4.07 -16.33
N GLY C 141 -3.12 4.58 -17.23
CA GLY C 141 -2.41 3.68 -18.10
C GLY C 141 -1.34 4.37 -18.90
N CYS C 142 -0.73 3.58 -19.79
CA CYS C 142 0.32 4.02 -20.68
C CYS C 142 0.14 3.33 -22.01
N LEU C 143 0.10 4.14 -23.08
CA LEU C 143 -0.01 3.66 -24.45
C LEU C 143 1.39 3.63 -25.05
N VAL C 144 1.86 2.42 -25.35
CA VAL C 144 3.19 2.17 -25.89
C VAL C 144 2.98 1.90 -27.38
N LYS C 145 3.19 2.92 -28.20
CA LYS C 145 2.73 2.94 -29.58
C LYS C 145 3.90 2.89 -30.56
N ASP C 146 3.73 2.07 -31.60
CA ASP C 146 4.58 2.06 -32.78
C ASP C 146 6.02 1.71 -32.46
N TYR C 147 6.28 0.42 -32.27
CA TYR C 147 7.64 -0.08 -32.09
C TYR C 147 7.81 -1.38 -32.87
N PHE C 148 9.07 -1.75 -33.06
CA PHE C 148 9.41 -3.01 -33.74
C PHE C 148 10.87 -3.35 -33.47
N PRO C 149 11.21 -4.64 -33.25
CA PRO C 149 10.28 -5.77 -33.11
C PRO C 149 9.73 -5.87 -31.70
N GLU C 150 9.07 -6.97 -31.39
CA GLU C 150 8.77 -7.28 -30.00
C GLU C 150 10.05 -7.75 -29.32
N PRO C 151 10.08 -7.75 -27.97
CA PRO C 151 9.02 -7.33 -27.06
C PRO C 151 9.29 -5.98 -26.41
N VAL C 152 8.34 -5.57 -25.56
CA VAL C 152 8.51 -4.42 -24.68
C VAL C 152 8.14 -4.87 -23.28
N THR C 153 8.80 -4.28 -22.29
CA THR C 153 8.49 -4.55 -20.89
C THR C 153 7.97 -3.27 -20.24
N VAL C 154 6.91 -3.44 -19.44
CA VAL C 154 6.28 -2.32 -18.75
C VAL C 154 6.17 -2.68 -17.27
N SER C 155 6.62 -1.77 -16.41
CA SER C 155 6.40 -1.87 -14.98
C SER C 155 5.82 -0.55 -14.51
N TRP C 156 5.41 -0.49 -13.24
CA TRP C 156 4.82 0.71 -12.68
C TRP C 156 5.52 1.06 -11.37
N ASN C 157 5.98 2.30 -11.27
CA ASN C 157 6.68 2.79 -10.08
C ASN C 157 7.86 1.88 -9.74
N SER C 158 8.63 1.53 -10.77
CA SER C 158 9.83 0.73 -10.61
C SER C 158 9.55 -0.57 -9.86
N GLY C 159 8.42 -1.20 -10.17
CA GLY C 159 8.04 -2.46 -9.57
C GLY C 159 7.30 -2.34 -8.25
N ALA C 160 7.24 -1.14 -7.66
CA ALA C 160 6.53 -0.98 -6.40
C ALA C 160 5.04 -1.12 -6.58
N LEU C 161 4.52 -0.78 -7.76
CA LEU C 161 3.10 -0.91 -8.07
C LEU C 161 2.92 -2.15 -8.92
N THR C 162 2.27 -3.17 -8.37
CA THR C 162 2.07 -4.45 -9.03
C THR C 162 0.64 -4.94 -8.99
N SER C 163 -0.19 -4.44 -8.08
CA SER C 163 -1.54 -4.94 -7.88
C SER C 163 -2.52 -4.17 -8.76
N GLY C 164 -3.37 -4.91 -9.47
CA GLY C 164 -4.33 -4.32 -10.37
C GLY C 164 -3.78 -3.93 -11.73
N VAL C 165 -2.51 -4.24 -12.01
CA VAL C 165 -1.91 -3.93 -13.30
C VAL C 165 -2.36 -4.98 -14.31
N HIS C 166 -2.74 -4.50 -15.51
CA HIS C 166 -2.99 -5.36 -16.66
C HIS C 166 -2.21 -4.79 -17.83
N THR C 167 -1.26 -5.57 -18.34
CA THR C 167 -0.48 -5.20 -19.52
C THR C 167 -0.94 -6.09 -20.66
N PHE C 168 -1.64 -5.48 -21.62
CA PHE C 168 -2.32 -6.24 -22.65
C PHE C 168 -1.33 -6.74 -23.70
N PRO C 169 -1.69 -7.80 -24.43
CA PRO C 169 -0.82 -8.27 -25.53
C PRO C 169 -0.73 -7.23 -26.62
N ALA C 170 0.42 -7.22 -27.30
CA ALA C 170 0.63 -6.28 -28.39
C ALA C 170 -0.23 -6.65 -29.59
N VAL C 171 -0.66 -5.61 -30.31
CA VAL C 171 -1.40 -5.76 -31.56
C VAL C 171 -0.52 -5.26 -32.69
N LEU C 172 -0.37 -6.07 -33.72
CA LEU C 172 0.34 -5.64 -34.92
C LEU C 172 -0.52 -4.66 -35.70
N GLN C 173 0.01 -3.45 -35.93
CA GLN C 173 -0.74 -2.41 -36.60
C GLN C 173 -0.67 -2.59 -38.11
N SER C 174 -1.55 -1.87 -38.82
CA SER C 174 -1.57 -1.94 -40.27
C SER C 174 -0.28 -1.43 -40.88
N SER C 175 0.48 -0.62 -40.14
CA SER C 175 1.77 -0.12 -40.59
C SER C 175 2.89 -1.13 -40.43
N GLY C 176 2.62 -2.30 -39.85
CA GLY C 176 3.67 -3.26 -39.55
C GLY C 176 4.38 -3.01 -38.24
N LEU C 177 3.95 -2.02 -37.47
CA LEU C 177 4.51 -1.74 -36.15
C LEU C 177 3.59 -2.30 -35.07
N TYR C 178 4.16 -2.49 -33.88
CA TYR C 178 3.41 -3.01 -32.75
C TYR C 178 2.99 -1.88 -31.82
N SER C 179 1.90 -2.11 -31.11
CA SER C 179 1.38 -1.16 -30.13
C SER C 179 0.67 -1.96 -29.04
N LEU C 180 0.91 -1.58 -27.80
CA LEU C 180 0.24 -2.21 -26.67
C LEU C 180 -0.02 -1.17 -25.60
N SER C 181 -0.86 -1.53 -24.64
CA SER C 181 -1.24 -0.65 -23.54
C SER C 181 -1.04 -1.37 -22.21
N SER C 182 -0.80 -0.59 -21.17
CA SER C 182 -0.68 -1.13 -19.81
C SER C 182 -1.42 -0.23 -18.85
N VAL C 183 -2.42 -0.76 -18.16
CA VAL C 183 -3.28 0.03 -17.30
C VAL C 183 -3.20 -0.50 -15.88
N VAL C 184 -3.63 0.34 -14.94
CA VAL C 184 -3.69 -0.03 -13.53
C VAL C 184 -4.89 0.66 -12.90
N THR C 185 -5.59 -0.05 -12.03
CA THR C 185 -6.68 0.49 -11.24
C THR C 185 -6.19 0.83 -9.85
N VAL C 186 -6.55 2.01 -9.37
CA VAL C 186 -6.20 2.45 -8.02
C VAL C 186 -7.39 3.17 -7.41
N PRO C 187 -7.42 3.30 -6.09
CA PRO C 187 -8.49 4.10 -5.47
C PRO C 187 -8.41 5.55 -5.89
N SER C 188 -9.58 6.17 -6.01
CA SER C 188 -9.64 7.56 -6.44
C SER C 188 -8.92 8.49 -5.48
N SER C 189 -8.94 8.18 -4.19
CA SER C 189 -8.28 9.03 -3.20
C SER C 189 -6.78 9.12 -3.43
N SER C 190 -6.17 8.06 -3.98
CA SER C 190 -4.72 7.98 -4.08
C SER C 190 -4.14 8.80 -5.21
N LEU C 191 -4.97 9.38 -6.09
CA LEU C 191 -4.45 9.94 -7.33
C LEU C 191 -3.45 11.06 -7.07
N GLY C 192 -3.89 12.13 -6.40
CA GLY C 192 -2.98 13.22 -6.08
C GLY C 192 -1.92 12.87 -5.07
N THR C 193 -2.14 11.82 -4.27
CA THR C 193 -1.25 11.53 -3.15
C THR C 193 0.07 10.93 -3.61
N GLN C 194 0.03 10.12 -4.68
CA GLN C 194 1.20 9.40 -5.15
C GLN C 194 1.49 9.71 -6.61
N THR C 195 2.76 9.68 -6.95
CA THR C 195 3.19 9.79 -8.34
C THR C 195 3.06 8.42 -9.00
N TYR C 196 2.44 8.39 -10.18
CA TYR C 196 2.29 7.17 -10.96
C TYR C 196 3.14 7.28 -12.21
N ILE C 197 4.10 6.37 -12.34
CA ILE C 197 5.04 6.34 -13.46
C ILE C 197 5.00 4.94 -14.07
N CYS C 198 5.04 4.90 -15.40
CA CYS C 198 5.16 3.65 -16.14
C CYS C 198 6.56 3.59 -16.77
N ASN C 199 7.27 2.51 -16.48
CA ASN C 199 8.63 2.29 -16.96
C ASN C 199 8.57 1.33 -18.13
N VAL C 200 8.90 1.82 -19.31
CA VAL C 200 8.85 1.07 -20.56
C VAL C 200 10.30 0.83 -21.00
N ASN C 201 10.60 -0.42 -21.35
CA ASN C 201 11.91 -0.78 -21.86
C ASN C 201 11.74 -1.57 -23.15
N HIS C 202 12.43 -1.12 -24.19
CA HIS C 202 12.47 -1.77 -25.50
C HIS C 202 13.96 -1.98 -25.83
N LYS C 203 14.45 -3.18 -25.58
CA LYS C 203 15.88 -3.47 -25.70
C LYS C 203 16.36 -3.46 -27.14
N PRO C 204 15.59 -3.95 -28.11
CA PRO C 204 16.07 -3.93 -29.50
C PRO C 204 16.49 -2.56 -29.99
N SER C 205 15.80 -1.50 -29.56
CA SER C 205 16.15 -0.13 -29.91
C SER C 205 16.93 0.58 -28.81
N ASN C 206 17.24 -0.11 -27.71
CA ASN C 206 17.88 0.51 -26.56
C ASN C 206 17.11 1.75 -26.11
N THR C 207 15.78 1.64 -26.15
CA THR C 207 14.90 2.69 -25.66
C THR C 207 14.47 2.36 -24.23
N LYS C 208 14.60 3.33 -23.34
CA LYS C 208 14.10 3.18 -21.98
C LYS C 208 13.46 4.51 -21.58
N VAL C 209 12.17 4.47 -21.29
CA VAL C 209 11.37 5.68 -21.05
C VAL C 209 10.59 5.49 -19.76
N ASP C 210 10.60 6.53 -18.93
CA ASP C 210 9.77 6.58 -17.73
C ASP C 210 8.78 7.73 -17.91
N LYS C 211 7.49 7.41 -17.83
CA LYS C 211 6.43 8.36 -18.17
C LYS C 211 5.50 8.54 -16.97
N LYS C 212 5.35 9.79 -16.53
CA LYS C 212 4.44 10.11 -15.43
C LYS C 212 3.05 10.39 -15.98
N VAL C 213 2.04 9.88 -15.27
CA VAL C 213 0.64 9.98 -15.69
C VAL C 213 -0.09 10.81 -14.65
N GLU C 214 -0.67 11.92 -15.09
CA GLU C 214 -1.31 12.87 -14.19
C GLU C 214 -2.73 13.18 -14.66
N PRO C 215 -3.62 13.56 -13.73
CA PRO C 215 -5.01 13.88 -14.12
C PRO C 215 -5.11 15.07 -15.06
N LYS C 216 -6.32 15.40 -15.47
CA LYS C 216 -6.57 16.43 -16.47
C LYS C 216 -7.05 17.72 -15.81
N SER C 217 -6.89 18.82 -16.54
CA SER C 217 -7.29 20.14 -16.07
C SER C 217 -7.94 20.94 -17.19
N ASP D 1 7.39 -39.22 -38.92
CA ASP D 1 7.95 -38.61 -37.68
C ASP D 1 7.10 -38.98 -36.47
N ILE D 2 7.52 -38.53 -35.29
CA ILE D 2 6.79 -38.80 -34.06
C ILE D 2 5.67 -37.79 -33.90
N VAL D 3 4.52 -38.26 -33.43
CA VAL D 3 3.35 -37.42 -33.22
C VAL D 3 2.83 -37.69 -31.81
N MET D 4 2.51 -36.62 -31.09
CA MET D 4 1.88 -36.70 -29.76
C MET D 4 0.57 -35.92 -29.86
N THR D 5 -0.54 -36.65 -29.96
CA THR D 5 -1.87 -36.06 -30.13
C THR D 5 -2.47 -35.81 -28.75
N GLN D 6 -2.56 -34.54 -28.36
CA GLN D 6 -3.10 -34.15 -27.06
C GLN D 6 -4.52 -33.66 -27.24
N THR D 7 -5.44 -34.20 -26.46
CA THR D 7 -6.85 -33.83 -26.52
C THR D 7 -7.38 -33.65 -25.11
N PRO D 8 -8.34 -32.74 -24.91
CA PRO D 8 -8.89 -31.82 -25.90
C PRO D 8 -8.01 -30.60 -26.11
N SER D 9 -8.25 -29.85 -27.20
CA SER D 9 -7.49 -28.64 -27.46
C SER D 9 -7.75 -27.57 -26.40
N SER D 10 -8.99 -27.51 -25.91
CA SER D 10 -9.36 -26.57 -24.85
C SER D 10 -10.55 -27.16 -24.11
N THR D 11 -10.76 -26.67 -22.89
CA THR D 11 -11.84 -27.16 -22.06
C THR D 11 -12.08 -26.17 -20.93
N SER D 12 -13.23 -26.31 -20.27
CA SER D 12 -13.61 -25.45 -19.16
C SER D 12 -14.13 -26.30 -18.02
N ALA D 13 -13.98 -25.77 -16.81
CA ALA D 13 -14.44 -26.45 -15.61
C ALA D 13 -14.42 -25.48 -14.44
N ALA D 14 -15.34 -25.68 -13.50
CA ALA D 14 -15.47 -24.80 -12.35
C ALA D 14 -14.52 -25.22 -11.23
N VAL D 15 -14.32 -24.32 -10.28
CA VAL D 15 -13.51 -24.62 -9.11
C VAL D 15 -14.07 -25.86 -8.43
N GLY D 16 -13.17 -26.76 -8.02
CA GLY D 16 -13.55 -28.00 -7.38
C GLY D 16 -13.82 -29.13 -8.35
N GLY D 17 -14.05 -28.84 -9.61
CA GLY D 17 -14.28 -29.87 -10.59
C GLY D 17 -13.02 -30.63 -10.93
N THR D 18 -13.11 -31.41 -12.00
CA THR D 18 -12.01 -32.26 -12.43
C THR D 18 -11.90 -32.21 -13.94
N VAL D 19 -10.68 -32.05 -14.45
CA VAL D 19 -10.44 -32.12 -15.88
C VAL D 19 -9.50 -33.29 -16.16
N THR D 20 -9.67 -33.87 -17.35
CA THR D 20 -8.88 -35.01 -17.78
C THR D 20 -8.32 -34.71 -19.16
N ILE D 21 -6.99 -34.73 -19.25
CA ILE D 21 -6.27 -34.46 -20.48
C ILE D 21 -5.60 -35.75 -20.93
N THR D 22 -5.66 -36.03 -22.23
CA THR D 22 -5.15 -37.27 -22.79
C THR D 22 -4.08 -36.96 -23.83
N CYS D 23 -3.02 -37.77 -23.83
CA CYS D 23 -1.91 -37.62 -24.76
C CYS D 23 -1.63 -38.97 -25.39
N GLN D 24 -1.73 -39.04 -26.71
CA GLN D 24 -1.60 -40.30 -27.45
C GLN D 24 -0.39 -40.20 -28.36
N ALA D 25 0.65 -40.98 -28.04
CA ALA D 25 1.88 -40.98 -28.82
C ALA D 25 1.81 -42.05 -29.91
N SER D 26 2.36 -41.73 -31.08
CA SER D 26 2.43 -42.68 -32.17
C SER D 26 3.38 -43.82 -31.89
N GLN D 27 4.18 -43.72 -30.83
CA GLN D 27 5.23 -44.69 -30.57
C GLN D 27 5.49 -44.71 -29.08
N SER D 28 5.91 -45.86 -28.56
CA SER D 28 6.17 -45.99 -27.14
C SER D 28 7.31 -45.07 -26.73
N VAL D 29 7.13 -44.39 -25.59
CA VAL D 29 8.18 -43.52 -25.07
C VAL D 29 9.41 -44.34 -24.70
N ALA D 30 10.52 -43.64 -24.54
CA ALA D 30 11.79 -44.31 -24.21
C ALA D 30 11.70 -44.97 -22.84
N ASN D 31 12.22 -46.20 -22.76
CA ASN D 31 12.19 -47.00 -21.54
C ASN D 31 10.79 -47.14 -20.96
N ASN D 32 9.76 -46.88 -21.79
CA ASN D 32 8.36 -46.99 -21.41
C ASN D 32 7.95 -45.99 -20.34
N ASN D 33 8.80 -44.99 -20.02
CA ASN D 33 8.43 -44.04 -18.98
C ASN D 33 9.02 -42.63 -19.16
N TYR D 34 9.61 -42.30 -20.32
CA TYR D 34 10.06 -40.94 -20.59
C TYR D 34 8.87 -40.08 -20.99
N LEU D 35 8.13 -39.63 -19.97
CA LEU D 35 6.93 -38.83 -20.20
C LEU D 35 6.72 -37.91 -19.00
N LYS D 36 6.58 -36.62 -19.28
CA LYS D 36 6.38 -35.60 -18.25
C LYS D 36 5.22 -34.70 -18.67
N TRP D 37 4.58 -34.09 -17.68
CA TRP D 37 3.51 -33.13 -17.92
C TRP D 37 3.93 -31.75 -17.43
N TYR D 38 3.58 -30.73 -18.20
CA TYR D 38 3.96 -29.35 -17.93
C TYR D 38 2.72 -28.46 -17.89
N GLN D 39 2.83 -27.40 -17.09
CA GLN D 39 1.85 -26.32 -17.02
C GLN D 39 2.53 -25.02 -17.39
N GLN D 40 1.96 -24.29 -18.35
CA GLN D 40 2.53 -23.04 -18.83
C GLN D 40 1.49 -21.94 -18.80
N LYS D 41 1.92 -20.75 -18.37
CA LYS D 41 1.11 -19.55 -18.35
C LYS D 41 1.74 -18.49 -19.24
N ARG D 42 0.95 -17.46 -19.54
CA ARG D 42 1.37 -16.45 -20.50
C ARG D 42 2.67 -15.80 -20.09
N GLY D 43 3.65 -15.81 -20.99
CA GLY D 43 4.91 -15.11 -20.78
C GLY D 43 5.91 -15.84 -19.93
N GLN D 44 5.62 -17.08 -19.52
CA GLN D 44 6.50 -17.83 -18.64
C GLN D 44 7.00 -19.09 -19.35
N PRO D 45 8.09 -19.68 -18.87
CA PRO D 45 8.43 -21.04 -19.29
C PRO D 45 7.51 -22.05 -18.63
N PRO D 46 7.45 -23.27 -19.14
CA PRO D 46 6.60 -24.29 -18.51
C PRO D 46 7.07 -24.63 -17.11
N LYS D 47 6.15 -25.17 -16.32
CA LYS D 47 6.45 -25.64 -14.97
C LYS D 47 6.00 -27.09 -14.83
N GLN D 48 6.92 -27.95 -14.39
CA GLN D 48 6.65 -29.38 -14.37
C GLN D 48 5.54 -29.72 -13.38
N LEU D 49 4.81 -30.78 -13.70
CA LEU D 49 3.82 -31.37 -12.80
C LEU D 49 4.16 -32.82 -12.47
N ILE D 50 4.16 -33.69 -13.49
CA ILE D 50 4.36 -35.12 -13.32
C ILE D 50 5.57 -35.53 -14.14
N TYR D 51 6.36 -36.46 -13.61
CA TYR D 51 7.45 -37.08 -14.36
C TYR D 51 7.36 -38.59 -14.23
N SER D 52 8.08 -39.30 -15.11
CA SER D 52 8.01 -40.75 -15.18
C SER D 52 6.56 -41.22 -15.29
N VAL D 53 5.81 -40.57 -16.16
CA VAL D 53 4.41 -40.91 -16.44
C VAL D 53 3.51 -40.58 -15.26
N SER D 54 3.91 -40.96 -14.04
CA SER D 54 3.00 -40.92 -12.91
C SER D 54 3.59 -40.35 -11.62
N THR D 55 4.88 -40.05 -11.55
CA THR D 55 5.47 -39.59 -10.30
C THR D 55 5.26 -38.09 -10.14
N LEU D 56 4.83 -37.68 -8.95
CA LEU D 56 4.53 -36.29 -8.66
C LEU D 56 5.82 -35.52 -8.41
N ALA D 57 6.02 -34.44 -9.14
CA ALA D 57 7.18 -33.58 -8.91
C ALA D 57 7.06 -32.89 -7.56
N SER D 58 8.21 -32.66 -6.92
CA SER D 58 8.22 -32.07 -5.60
C SER D 58 7.68 -30.64 -5.66
N GLY D 59 6.85 -30.30 -4.66
CA GLY D 59 6.21 -29.01 -4.61
C GLY D 59 4.88 -28.93 -5.35
N VAL D 60 4.54 -29.95 -6.14
CA VAL D 60 3.30 -29.94 -6.91
C VAL D 60 2.20 -30.57 -6.07
N PRO D 61 0.99 -29.99 -6.02
CA PRO D 61 -0.08 -30.60 -5.22
C PRO D 61 -0.43 -32.00 -5.71
N SER D 62 -0.89 -32.83 -4.77
CA SER D 62 -1.24 -34.22 -5.09
C SER D 62 -2.51 -34.34 -5.91
N ARG D 63 -3.27 -33.26 -6.08
CA ARG D 63 -4.47 -33.30 -6.92
C ARG D 63 -4.13 -33.41 -8.40
N PHE D 64 -2.87 -33.31 -8.77
CA PHE D 64 -2.42 -33.63 -10.12
C PHE D 64 -1.99 -35.10 -10.14
N LYS D 65 -2.60 -35.89 -11.02
CA LYS D 65 -2.27 -37.30 -11.14
C LYS D 65 -1.93 -37.66 -12.58
N GLY D 66 -0.88 -38.45 -12.76
CA GLY D 66 -0.54 -38.94 -14.07
C GLY D 66 -0.63 -40.45 -14.14
N SER D 67 -1.25 -40.97 -15.19
CA SER D 67 -1.34 -42.40 -15.42
C SER D 67 -1.03 -42.68 -16.88
N GLY D 68 -0.78 -43.93 -17.21
CA GLY D 68 -0.60 -44.27 -18.60
C GLY D 68 0.17 -45.55 -18.79
N SER D 69 0.16 -46.00 -20.05
CA SER D 69 0.84 -47.20 -20.47
C SER D 69 2.20 -46.77 -21.14
N GLY D 70 2.49 -47.16 -22.36
CA GLY D 70 3.69 -46.72 -23.04
C GLY D 70 3.41 -45.77 -24.18
N THR D 71 2.15 -45.73 -24.65
CA THR D 71 1.76 -44.87 -25.76
C THR D 71 0.56 -43.99 -25.48
N GLN D 72 -0.21 -44.24 -24.41
CA GLN D 72 -1.35 -43.41 -24.05
C GLN D 72 -1.21 -42.99 -22.60
N PHE D 73 -1.32 -41.68 -22.37
CA PHE D 73 -1.09 -41.09 -21.06
C PHE D 73 -2.24 -40.15 -20.71
N THR D 74 -2.50 -40.03 -19.41
CA THR D 74 -3.61 -39.25 -18.90
C THR D 74 -3.15 -38.39 -17.74
N LEU D 75 -3.49 -37.10 -17.79
CA LEU D 75 -3.32 -36.18 -16.68
C LEU D 75 -4.70 -35.84 -16.13
N THR D 76 -4.87 -36.00 -14.82
CA THR D 76 -6.13 -35.74 -14.16
C THR D 76 -5.91 -34.67 -13.10
N ILE D 77 -6.67 -33.59 -13.19
CA ILE D 77 -6.59 -32.50 -12.23
C ILE D 77 -7.91 -32.46 -11.47
N SER D 78 -7.83 -32.76 -10.17
CA SER D 78 -8.97 -32.76 -9.27
C SER D 78 -8.97 -31.49 -8.43
N ASP D 79 -10.14 -31.18 -7.86
CA ASP D 79 -10.31 -30.05 -6.95
C ASP D 79 -9.68 -28.79 -7.54
N LEU D 80 -10.17 -28.39 -8.70
CA LEU D 80 -9.59 -27.28 -9.43
C LEU D 80 -9.59 -26.02 -8.58
N GLU D 81 -8.52 -25.22 -8.74
CA GLU D 81 -8.41 -23.91 -8.15
C GLU D 81 -8.31 -22.86 -9.25
N ALA D 82 -8.45 -21.60 -8.87
CA ALA D 82 -8.26 -20.51 -9.82
C ALA D 82 -6.87 -20.56 -10.44
N ASP D 83 -5.88 -20.99 -9.66
CA ASP D 83 -4.48 -20.99 -10.11
C ASP D 83 -4.23 -21.96 -11.26
N ASP D 84 -5.16 -22.86 -11.56
CA ASP D 84 -4.95 -23.88 -12.58
C ASP D 84 -5.25 -23.39 -14.00
N ALA D 85 -5.73 -22.15 -14.17
CA ALA D 85 -6.01 -21.62 -15.48
C ALA D 85 -4.71 -21.51 -16.28
N ALA D 86 -4.61 -22.29 -17.37
CA ALA D 86 -3.30 -22.37 -18.04
C ALA D 86 -3.33 -23.33 -19.22
N THR D 87 -2.21 -23.47 -19.93
CA THR D 87 -2.10 -24.42 -21.04
C THR D 87 -1.14 -25.53 -20.64
N TYR D 88 -1.57 -26.77 -20.81
CA TYR D 88 -0.84 -27.94 -20.33
C TYR D 88 -0.29 -28.72 -21.51
N TYR D 89 0.92 -29.27 -21.35
CA TYR D 89 1.62 -29.96 -22.42
C TYR D 89 2.15 -31.30 -21.94
N CYS D 90 2.09 -32.31 -22.80
CA CYS D 90 2.80 -33.56 -22.58
C CYS D 90 4.13 -33.52 -23.31
N SER D 91 5.19 -33.98 -22.63
CA SER D 91 6.55 -33.93 -23.14
C SER D 91 7.13 -35.32 -23.10
N GLY D 92 7.50 -35.85 -24.27
CA GLY D 92 7.95 -37.22 -24.36
C GLY D 92 9.26 -37.35 -25.11
N TYR D 93 9.98 -38.42 -24.79
CA TYR D 93 11.23 -38.78 -25.45
C TYR D 93 11.12 -40.19 -26.00
N PHE D 94 11.82 -40.46 -27.09
CA PHE D 94 11.63 -41.69 -27.84
C PHE D 94 12.97 -42.32 -28.20
N ASN D 95 12.93 -43.61 -28.53
CA ASN D 95 14.14 -44.43 -28.59
C ASN D 95 15.11 -43.93 -29.64
N ASN D 96 14.62 -43.31 -30.72
CA ASN D 96 15.51 -42.78 -31.75
C ASN D 96 16.17 -41.47 -31.34
N ASN D 97 16.18 -41.15 -30.04
CA ASN D 97 16.73 -39.89 -29.54
C ASN D 97 16.03 -38.70 -30.19
N ILE D 98 14.75 -38.59 -29.86
CA ILE D 98 13.89 -37.52 -30.35
C ILE D 98 12.92 -37.15 -29.24
N GLY D 99 12.81 -35.85 -28.97
CA GLY D 99 11.81 -35.32 -28.06
C GLY D 99 10.64 -34.74 -28.82
N ALA D 100 9.50 -34.64 -28.14
CA ALA D 100 8.30 -34.13 -28.77
C ALA D 100 7.33 -33.63 -27.69
N PHE D 101 6.40 -32.79 -28.13
CA PHE D 101 5.39 -32.19 -27.28
C PHE D 101 4.01 -32.43 -27.87
N GLY D 102 3.02 -32.65 -27.01
CA GLY D 102 1.65 -32.54 -27.44
C GLY D 102 1.28 -31.12 -27.81
N GLY D 103 0.19 -30.98 -28.56
CA GLY D 103 -0.23 -29.68 -29.05
C GLY D 103 -0.75 -28.75 -27.97
N GLY D 104 -0.97 -29.23 -26.77
CA GLY D 104 -1.36 -28.38 -25.67
C GLY D 104 -2.86 -28.42 -25.41
N THR D 105 -3.23 -28.12 -24.16
CA THR D 105 -4.62 -28.09 -23.73
C THR D 105 -4.85 -26.84 -22.90
N LYS D 106 -5.66 -25.92 -23.40
CA LYS D 106 -5.97 -24.69 -22.68
C LYS D 106 -7.13 -24.93 -21.73
N LEU D 107 -6.91 -24.61 -20.46
CA LEU D 107 -7.88 -24.80 -19.39
C LEU D 107 -8.32 -23.45 -18.85
N GLU D 108 -9.61 -23.17 -19.03
CA GLU D 108 -10.29 -22.01 -18.47
C GLU D 108 -11.05 -22.43 -17.22
N ILE D 109 -10.95 -21.62 -16.17
CA ILE D 109 -11.63 -21.88 -14.91
C ILE D 109 -12.93 -21.09 -14.90
N LYS D 110 -14.05 -21.78 -14.69
CA LYS D 110 -15.35 -21.13 -14.65
C LYS D 110 -15.58 -20.49 -13.28
N ARG D 111 -16.33 -19.40 -13.28
CA ARG D 111 -16.65 -18.67 -12.06
C ARG D 111 -17.98 -17.97 -12.25
N THR D 112 -18.44 -17.32 -11.19
CA THR D 112 -19.68 -16.54 -11.26
C THR D 112 -19.52 -15.36 -12.20
N VAL D 113 -20.62 -14.97 -12.84
CA VAL D 113 -20.57 -13.84 -13.76
C VAL D 113 -20.10 -12.60 -13.02
N ALA D 114 -19.17 -11.87 -13.64
CA ALA D 114 -18.60 -10.66 -13.07
C ALA D 114 -18.67 -9.56 -14.12
N ALA D 115 -19.43 -8.51 -13.82
CA ALA D 115 -19.58 -7.42 -14.79
C ALA D 115 -18.30 -6.59 -14.84
N PRO D 116 -17.90 -6.12 -16.02
CA PRO D 116 -16.67 -5.33 -16.12
C PRO D 116 -16.84 -3.93 -15.55
N SER D 117 -15.74 -3.36 -15.09
CA SER D 117 -15.70 -1.92 -14.84
C SER D 117 -15.15 -1.24 -16.08
N VAL D 118 -15.87 -0.23 -16.57
CA VAL D 118 -15.55 0.40 -17.85
C VAL D 118 -14.93 1.76 -17.60
N PHE D 119 -13.88 2.07 -18.35
CA PHE D 119 -13.27 3.39 -18.31
C PHE D 119 -12.98 3.83 -19.73
N ILE D 120 -13.04 5.14 -19.97
CA ILE D 120 -12.73 5.70 -21.29
C ILE D 120 -11.62 6.73 -21.13
N PHE D 121 -10.66 6.68 -22.05
CA PHE D 121 -9.49 7.56 -22.06
C PHE D 121 -9.46 8.31 -23.38
N PRO D 122 -9.54 9.65 -23.38
CA PRO D 122 -9.39 10.41 -24.61
C PRO D 122 -7.93 10.42 -25.06
N PRO D 123 -7.66 10.77 -26.31
CA PRO D 123 -6.27 10.87 -26.76
C PRO D 123 -5.50 11.90 -25.94
N SER D 124 -4.21 11.63 -25.75
CA SER D 124 -3.35 12.55 -25.03
C SER D 124 -2.97 13.72 -25.93
N ASP D 125 -2.64 14.85 -25.29
CA ASP D 125 -2.15 16.00 -26.04
C ASP D 125 -0.82 15.67 -26.72
N GLU D 126 0.03 14.89 -26.05
CA GLU D 126 1.32 14.53 -26.63
C GLU D 126 1.15 13.70 -27.89
N GLN D 127 0.14 12.82 -27.91
CA GLN D 127 -0.12 12.04 -29.12
C GLN D 127 -0.74 12.91 -30.20
N LEU D 128 -1.71 13.76 -29.83
CA LEU D 128 -2.33 14.64 -30.81
C LEU D 128 -1.29 15.51 -31.50
N LYS D 129 -0.28 15.96 -30.75
CA LYS D 129 0.77 16.77 -31.36
C LYS D 129 1.47 16.03 -32.49
N SER D 130 1.63 14.72 -32.35
CA SER D 130 2.31 13.92 -33.36
C SER D 130 1.42 13.63 -34.58
N GLY D 131 0.13 13.93 -34.50
CA GLY D 131 -0.76 13.80 -35.64
C GLY D 131 -1.71 12.61 -35.58
N THR D 132 -1.69 11.82 -34.51
CA THR D 132 -2.57 10.66 -34.38
C THR D 132 -3.40 10.79 -33.11
N ALA D 133 -4.52 10.06 -33.10
CA ALA D 133 -5.47 10.11 -31.99
C ALA D 133 -5.99 8.71 -31.73
N SER D 134 -5.66 8.15 -30.57
CA SER D 134 -6.11 6.83 -30.16
C SER D 134 -6.97 6.98 -28.92
N VAL D 135 -8.22 6.53 -29.00
CA VAL D 135 -9.15 6.58 -27.87
C VAL D 135 -9.22 5.19 -27.27
N VAL D 136 -9.01 5.08 -25.95
CA VAL D 136 -8.90 3.77 -25.31
C VAL D 136 -10.12 3.53 -24.44
N CYS D 137 -10.68 2.34 -24.52
CA CYS D 137 -11.78 1.90 -23.66
C CYS D 137 -11.34 0.64 -22.94
N LEU D 138 -11.45 0.66 -21.61
CA LEU D 138 -10.96 -0.42 -20.75
C LEU D 138 -12.14 -1.15 -20.10
N LEU D 139 -12.20 -2.46 -20.32
CA LEU D 139 -13.07 -3.36 -19.58
C LEU D 139 -12.21 -4.10 -18.56
N ASN D 140 -12.51 -3.91 -17.28
CA ASN D 140 -11.65 -4.36 -16.20
C ASN D 140 -12.34 -5.47 -15.42
N ASN D 141 -11.65 -6.62 -15.32
CA ASN D 141 -11.98 -7.74 -14.44
C ASN D 141 -13.41 -8.21 -14.61
N PHE D 142 -13.66 -9.02 -15.65
CA PHE D 142 -14.99 -9.51 -15.94
C PHE D 142 -14.94 -10.98 -16.34
N TYR D 143 -16.11 -11.61 -16.28
CA TYR D 143 -16.29 -13.00 -16.71
C TYR D 143 -17.76 -13.18 -17.05
N PRO D 144 -18.12 -13.91 -18.12
CA PRO D 144 -17.25 -14.63 -19.07
C PRO D 144 -16.51 -13.70 -20.03
N ARG D 145 -15.69 -14.29 -20.91
CA ARG D 145 -14.82 -13.50 -21.76
C ARG D 145 -15.58 -12.80 -22.88
N GLU D 146 -16.66 -13.41 -23.39
CA GLU D 146 -17.40 -12.80 -24.48
C GLU D 146 -17.95 -11.45 -24.03
N ALA D 147 -17.73 -10.44 -24.88
CA ALA D 147 -18.24 -9.10 -24.62
C ALA D 147 -18.36 -8.38 -25.96
N LYS D 148 -19.36 -7.52 -26.08
CA LYS D 148 -19.52 -6.70 -27.28
C LYS D 148 -19.16 -5.26 -26.92
N VAL D 149 -18.11 -4.75 -27.55
CA VAL D 149 -17.63 -3.39 -27.32
C VAL D 149 -17.74 -2.64 -28.63
N GLN D 150 -18.61 -1.63 -28.68
CA GLN D 150 -18.86 -0.88 -29.89
C GLN D 150 -18.57 0.59 -29.67
N TRP D 151 -18.00 1.23 -30.68
CA TRP D 151 -17.67 2.65 -30.64
C TRP D 151 -18.73 3.45 -31.37
N LYS D 152 -19.18 4.54 -30.75
CA LYS D 152 -20.13 5.46 -31.36
C LYS D 152 -19.53 6.86 -31.32
N VAL D 153 -19.37 7.46 -32.49
CA VAL D 153 -18.86 8.82 -32.64
C VAL D 153 -19.98 9.68 -33.20
N ASP D 154 -20.40 10.67 -32.42
CA ASP D 154 -21.61 11.43 -32.75
C ASP D 154 -22.78 10.48 -33.00
N ASN D 155 -22.83 9.41 -32.21
CA ASN D 155 -23.89 8.40 -32.28
C ASN D 155 -23.87 7.61 -33.59
N ALA D 156 -22.72 7.57 -34.27
CA ALA D 156 -22.54 6.75 -35.46
C ALA D 156 -21.70 5.54 -35.12
N LEU D 157 -22.23 4.34 -35.39
CA LEU D 157 -21.52 3.12 -35.07
C LEU D 157 -20.28 2.98 -35.94
N GLN D 158 -19.14 2.77 -35.30
CA GLN D 158 -17.87 2.63 -36.01
C GLN D 158 -17.65 1.18 -36.43
N SER D 159 -16.85 1.00 -37.48
CA SER D 159 -16.57 -0.33 -37.99
C SER D 159 -15.18 -0.35 -38.61
N GLY D 160 -14.33 -1.26 -38.14
CA GLY D 160 -13.06 -1.52 -38.76
C GLY D 160 -11.92 -0.61 -38.35
N ASN D 161 -12.16 0.38 -37.49
CA ASN D 161 -11.10 1.28 -37.03
C ASN D 161 -10.82 1.13 -35.54
N SER D 162 -11.19 0.01 -34.94
CA SER D 162 -10.89 -0.27 -33.54
C SER D 162 -10.26 -1.65 -33.43
N GLN D 163 -9.49 -1.84 -32.36
CA GLN D 163 -8.75 -3.08 -32.15
C GLN D 163 -8.85 -3.49 -30.69
N GLU D 164 -9.11 -4.77 -30.46
CA GLU D 164 -9.26 -5.31 -29.12
C GLU D 164 -8.06 -6.18 -28.76
N SER D 165 -7.66 -6.12 -27.48
CA SER D 165 -6.65 -6.99 -26.93
C SER D 165 -7.12 -7.48 -25.57
N VAL D 166 -6.87 -8.74 -25.27
CA VAL D 166 -7.40 -9.39 -24.07
C VAL D 166 -6.28 -10.07 -23.31
N THR D 167 -6.32 -9.95 -21.99
CA THR D 167 -5.35 -10.62 -21.13
C THR D 167 -5.66 -12.10 -21.05
N GLU D 168 -4.69 -12.85 -20.51
CA GLU D 168 -4.97 -14.21 -20.09
C GLU D 168 -5.96 -14.20 -18.92
N GLN D 169 -6.53 -15.36 -18.62
CA GLN D 169 -7.37 -15.47 -17.45
C GLN D 169 -6.53 -15.30 -16.19
N ASP D 170 -7.08 -14.56 -15.23
CA ASP D 170 -6.32 -14.22 -14.03
C ASP D 170 -6.27 -15.40 -13.08
N SER D 171 -5.09 -15.61 -12.46
CA SER D 171 -4.86 -16.78 -11.63
C SER D 171 -5.49 -16.67 -10.25
N LYS D 172 -6.03 -15.52 -9.86
CA LYS D 172 -6.61 -15.34 -8.53
C LYS D 172 -8.12 -15.20 -8.55
N ASP D 173 -8.67 -14.40 -9.46
CA ASP D 173 -10.11 -14.19 -9.54
C ASP D 173 -10.72 -14.73 -10.83
N SER D 174 -9.93 -15.36 -11.69
CA SER D 174 -10.44 -16.03 -12.89
C SER D 174 -11.17 -15.07 -13.83
N THR D 175 -10.83 -13.79 -13.78
CA THR D 175 -11.44 -12.81 -14.66
C THR D 175 -10.51 -12.47 -15.83
N TYR D 176 -11.07 -11.78 -16.81
CA TYR D 176 -10.32 -11.27 -17.95
C TYR D 176 -10.36 -9.75 -17.94
N SER D 177 -9.42 -9.15 -18.68
CA SER D 177 -9.42 -7.71 -18.91
C SER D 177 -9.18 -7.45 -20.39
N LEU D 178 -9.79 -6.38 -20.89
CA LEU D 178 -9.85 -6.13 -22.33
C LEU D 178 -9.66 -4.65 -22.59
N SER D 179 -8.90 -4.34 -23.65
CA SER D 179 -8.77 -2.98 -24.14
C SER D 179 -9.30 -2.91 -25.57
N SER D 180 -10.04 -1.85 -25.87
CA SER D 180 -10.52 -1.56 -27.22
C SER D 180 -10.03 -0.16 -27.59
N THR D 181 -9.22 -0.07 -28.65
CA THR D 181 -8.60 1.18 -29.04
C THR D 181 -9.12 1.61 -30.40
N LEU D 182 -9.74 2.79 -30.44
CA LEU D 182 -10.17 3.42 -31.68
C LEU D 182 -9.01 4.23 -32.23
N THR D 183 -8.58 3.89 -33.45
CA THR D 183 -7.36 4.44 -34.04
C THR D 183 -7.77 5.40 -35.16
N LEU D 184 -7.48 6.69 -34.95
CA LEU D 184 -7.82 7.74 -35.90
C LEU D 184 -6.61 8.62 -36.14
N SER D 185 -6.65 9.36 -37.24
CA SER D 185 -5.76 10.49 -37.42
C SER D 185 -6.29 11.69 -36.65
N LYS D 186 -5.41 12.67 -36.42
CA LYS D 186 -5.82 13.87 -35.70
C LYS D 186 -6.96 14.58 -36.43
N ALA D 187 -6.86 14.70 -37.76
CA ALA D 187 -7.90 15.38 -38.53
C ALA D 187 -9.24 14.69 -38.35
N ASP D 188 -9.29 13.39 -38.64
CA ASP D 188 -10.53 12.62 -38.46
C ASP D 188 -11.04 12.77 -37.03
N TYR D 189 -10.14 12.78 -36.05
CA TYR D 189 -10.55 12.95 -34.67
C TYR D 189 -11.24 14.29 -34.48
N GLU D 190 -10.76 15.32 -35.15
CA GLU D 190 -11.31 16.66 -34.99
C GLU D 190 -12.53 16.90 -35.86
N LYS D 191 -12.91 15.95 -36.71
CA LYS D 191 -14.18 16.07 -37.41
C LYS D 191 -15.40 15.88 -36.50
N HIS D 192 -15.24 15.35 -35.28
CA HIS D 192 -16.38 14.95 -34.45
C HIS D 192 -16.20 15.43 -33.02
N LYS D 193 -17.28 15.34 -32.24
CA LYS D 193 -17.33 15.85 -30.87
C LYS D 193 -17.51 14.76 -29.82
N VAL D 194 -18.57 13.96 -29.91
CA VAL D 194 -18.90 12.99 -28.88
C VAL D 194 -18.20 11.67 -29.20
N TYR D 195 -17.50 11.11 -28.22
CA TYR D 195 -16.88 9.79 -28.35
C TYR D 195 -17.39 8.90 -27.24
N ALA D 196 -17.97 7.75 -27.62
CA ALA D 196 -18.62 6.85 -26.68
C ALA D 196 -18.20 5.41 -26.92
N CYS D 197 -17.89 4.73 -25.81
CA CYS D 197 -17.65 3.29 -25.78
C CYS D 197 -18.85 2.63 -25.12
N GLU D 198 -19.51 1.73 -25.84
CA GLU D 198 -20.70 1.03 -25.33
C GLU D 198 -20.38 -0.45 -25.18
N VAL D 199 -20.67 -0.98 -23.99
CA VAL D 199 -20.28 -2.34 -23.61
C VAL D 199 -21.53 -3.13 -23.30
N THR D 200 -21.63 -4.31 -23.90
CA THR D 200 -22.70 -5.28 -23.65
C THR D 200 -22.05 -6.54 -23.11
N HIS D 201 -22.49 -6.97 -21.93
CA HIS D 201 -21.90 -8.10 -21.24
C HIS D 201 -22.96 -8.80 -20.40
N GLN D 202 -22.82 -10.12 -20.27
CA GLN D 202 -23.79 -10.91 -19.54
C GLN D 202 -24.05 -10.37 -18.14
N GLY D 203 -23.06 -9.73 -17.53
CA GLY D 203 -23.20 -9.19 -16.19
C GLY D 203 -23.91 -7.85 -16.10
N LEU D 204 -24.21 -7.24 -17.25
CA LEU D 204 -24.85 -5.93 -17.30
C LEU D 204 -26.30 -6.08 -17.70
N SER D 205 -27.20 -5.47 -16.92
CA SER D 205 -28.62 -5.52 -17.23
C SER D 205 -28.90 -4.93 -18.61
N SER D 206 -28.27 -3.80 -18.92
CA SER D 206 -28.37 -3.14 -20.20
C SER D 206 -27.01 -2.57 -20.54
N PRO D 207 -26.75 -2.28 -21.83
CA PRO D 207 -25.41 -1.83 -22.21
C PRO D 207 -24.99 -0.58 -21.46
N VAL D 208 -23.75 -0.57 -21.00
CA VAL D 208 -23.16 0.58 -20.31
C VAL D 208 -22.43 1.45 -21.32
N THR D 209 -22.61 2.76 -21.22
CA THR D 209 -21.94 3.70 -22.12
C THR D 209 -21.05 4.64 -21.32
N LYS D 210 -19.78 4.72 -21.73
CA LYS D 210 -18.82 5.68 -21.18
C LYS D 210 -18.39 6.60 -22.31
N SER D 211 -18.60 7.91 -22.15
CA SER D 211 -18.38 8.84 -23.24
C SER D 211 -17.72 10.11 -22.72
N PHE D 212 -17.08 10.83 -23.65
CA PHE D 212 -16.52 12.14 -23.37
C PHE D 212 -16.73 13.05 -24.57
N ASN D 213 -16.71 14.35 -24.29
CA ASN D 213 -16.78 15.39 -25.30
C ASN D 213 -15.39 15.94 -25.55
N ARG D 214 -15.00 15.98 -26.81
CA ARG D 214 -13.66 16.47 -27.17
C ARG D 214 -13.49 17.91 -26.70
N GLY D 215 -12.54 18.13 -25.79
CA GLY D 215 -12.29 19.44 -25.23
C GLY D 215 -12.96 19.65 -23.88
N LEU E 1 -12.85 50.85 24.56
CA LEU E 1 -13.59 50.64 25.80
C LEU E 1 -12.72 49.88 26.79
N PHE E 2 -12.59 50.39 28.01
CA PHE E 2 -11.75 49.72 28.99
C PHE E 2 -12.31 48.33 29.32
N PHE E 3 -11.41 47.38 29.45
CA PHE E 3 -11.75 46.04 29.91
C PHE E 3 -10.71 45.61 30.95
N GLU E 4 -11.12 44.68 31.80
CA GLU E 4 -10.19 44.03 32.73
C GLU E 4 -9.40 42.93 32.05
N VAL E 5 -9.47 42.87 30.71
CA VAL E 5 -8.79 41.84 29.92
C VAL E 5 -8.09 42.54 28.77
N ASP E 6 -6.91 42.06 28.41
CA ASP E 6 -6.21 42.58 27.25
C ASP E 6 -5.92 41.48 26.25
N LEU F 1 17.39 -49.12 -21.00
CA LEU F 1 18.47 -48.75 -21.90
C LEU F 1 19.13 -47.44 -21.47
N PHE F 2 20.46 -47.40 -21.48
CA PHE F 2 21.14 -46.14 -21.19
C PHE F 2 20.85 -45.12 -22.27
N PHE F 3 20.56 -43.90 -21.84
CA PHE F 3 20.43 -42.76 -22.74
C PHE F 3 21.26 -41.63 -22.16
N GLU F 4 21.72 -40.73 -23.05
CA GLU F 4 22.36 -39.50 -22.62
C GLU F 4 21.36 -38.47 -22.13
N VAL F 5 20.11 -38.89 -21.95
CA VAL F 5 19.02 -38.02 -21.52
C VAL F 5 18.31 -38.72 -20.37
N ASP F 6 17.90 -37.95 -19.36
CA ASP F 6 17.15 -38.51 -18.25
C ASP F 6 15.80 -37.79 -18.10
#